data_9ESB
#
_entry.id   9ESB
#
_cell.length_a   84.245
_cell.length_b   92.135
_cell.length_c   132.329
_cell.angle_alpha   90
_cell.angle_beta   90
_cell.angle_gamma   90
#
_symmetry.space_group_name_H-M   'P 21 21 21'
#
loop_
_entity.id
_entity.type
_entity.pdbx_description
1 polymer 'Indoleamine 2,3-dioxygenase 1'
2 non-polymer 'PROTOPORPHYRIN IX CONTAINING FE'
3 non-polymer (~{R})-(6-chloranylimidazo[1,5-a]pyridin-5-yl)-(1-phenyl-1,2,3-triazol-4-yl)methanol
4 water water
#
_entity_poly.entity_id   1
_entity_poly.type   'polypeptide(L)'
_entity_poly.pdbx_seq_one_letter_code
;MGSSHHHHHHSAALEVLFQGPHMWTISKEYHIDEEVGFALPNPQENLPDFYNDWMFIAKHLPDLIESGQLRERVEKLNML
SIDHLTDHKSQRLARLVLGCITMAYVWGKGHGDVRKVLPRNIAVPYCQLSKKLELPPILVYADCVLANWKKKDPNKPLTY
ENMDVLFSFRDGDCSKGFFLVSLLVEIAAASAIKVIPTVFKAMQMQERDTLLKALLEIASCLEKALQVFHQIHDHVNPKA
FFSVLRIYLSGWKGNPQLSDGLVYEGFWEDPKEFAGGSAGQSSVFQCFDVLLGIQQTAGGGHAAQFLQDMRRYMPPAHRN
FLCSLESNPSVREFVLSKGDAGLREAYDACVKALVSLRSYHLQIVTKYILIPASQQPKENKTSEDPSKLEAKGTGGTDLM
NFLKTVRSTTEKSLLKEG
;
_entity_poly.pdbx_strand_id   A,B
#
# COMPACT_ATOMS: atom_id res chain seq x y z
N ALA A 13 -5.71 -11.70 -15.53
CA ALA A 13 -4.46 -11.20 -14.92
C ALA A 13 -3.27 -11.32 -15.86
N LEU A 14 -3.26 -12.34 -16.73
CA LEU A 14 -2.19 -12.48 -17.71
C LEU A 14 -2.39 -11.47 -18.86
N GLU A 15 -3.65 -11.24 -19.28
CA GLU A 15 -3.99 -10.29 -20.34
C GLU A 15 -3.84 -8.82 -19.88
N VAL A 16 -3.96 -8.56 -18.57
CA VAL A 16 -3.76 -7.21 -18.04
C VAL A 16 -2.25 -6.81 -18.15
N LEU A 17 -1.32 -7.80 -18.14
CA LEU A 17 0.10 -7.54 -18.30
C LEU A 17 0.40 -7.04 -19.72
N PHE A 18 -0.17 -7.72 -20.75
CA PHE A 18 0.05 -7.39 -22.16
C PHE A 18 -0.81 -6.24 -22.71
N GLN A 19 -2.10 -6.22 -22.40
CA GLN A 19 -3.02 -5.21 -22.94
C GLN A 19 -3.14 -3.97 -22.07
N GLY A 20 -2.92 -4.13 -20.77
CA GLY A 20 -2.99 -3.03 -19.82
C GLY A 20 -4.17 -3.15 -18.88
N PRO A 21 -4.17 -2.30 -17.83
CA PRO A 21 -5.29 -2.31 -16.87
C PRO A 21 -6.64 -1.96 -17.47
N HIS A 22 -7.43 -2.98 -17.86
CA HIS A 22 -8.72 -2.76 -18.48
C HIS A 22 -9.73 -3.70 -17.86
N MET A 23 -10.40 -3.24 -16.83
CA MET A 23 -11.37 -4.06 -16.11
C MET A 23 -12.79 -4.02 -16.70
N TRP A 24 -12.94 -4.57 -17.92
CA TRP A 24 -14.25 -4.67 -18.59
C TRP A 24 -15.08 -5.88 -18.09
N THR A 25 -14.52 -6.68 -17.15
CA THR A 25 -15.18 -7.81 -16.52
C THR A 25 -14.63 -8.04 -15.09
N ILE A 26 -15.50 -8.50 -14.16
CA ILE A 26 -15.02 -8.86 -12.82
C ILE A 26 -14.62 -10.35 -12.78
N SER A 27 -13.33 -10.56 -12.89
CA SER A 27 -12.69 -11.86 -12.87
C SER A 27 -13.02 -12.64 -11.59
N LYS A 28 -13.27 -13.95 -11.74
CA LYS A 28 -13.54 -14.83 -10.61
C LYS A 28 -12.34 -14.92 -9.64
N GLU A 29 -11.13 -14.56 -10.10
CA GLU A 29 -9.91 -14.50 -9.30
C GLU A 29 -9.93 -13.40 -8.24
N TYR A 30 -10.87 -12.44 -8.34
CA TYR A 30 -11.02 -11.40 -7.33
C TYR A 30 -11.86 -11.87 -6.12
N HIS A 31 -12.54 -13.02 -6.23
CA HIS A 31 -13.35 -13.62 -5.16
C HIS A 31 -14.43 -12.69 -4.64
N ILE A 32 -15.13 -12.08 -5.58
CA ILE A 32 -16.28 -11.25 -5.29
C ILE A 32 -17.48 -12.07 -5.71
N ASP A 33 -18.39 -12.32 -4.80
CA ASP A 33 -19.56 -13.12 -5.06
C ASP A 33 -20.68 -12.26 -5.64
N GLU A 34 -21.44 -12.81 -6.59
CA GLU A 34 -22.54 -12.09 -7.22
C GLU A 34 -23.62 -11.69 -6.22
N GLU A 35 -23.83 -12.50 -5.17
CA GLU A 35 -24.86 -12.22 -4.18
C GLU A 35 -24.35 -11.47 -2.95
N VAL A 36 -23.24 -11.92 -2.34
CA VAL A 36 -22.77 -11.32 -1.09
C VAL A 36 -21.53 -10.41 -1.22
N GLY A 37 -21.05 -10.19 -2.44
CA GLY A 37 -19.92 -9.31 -2.71
C GLY A 37 -18.61 -9.76 -2.11
N PHE A 38 -18.00 -8.91 -1.27
CA PHE A 38 -16.74 -9.22 -0.62
C PHE A 38 -16.90 -10.21 0.54
N ALA A 39 -18.12 -10.46 1.02
CA ALA A 39 -18.36 -11.44 2.06
C ALA A 39 -18.04 -12.86 1.53
N LEU A 40 -17.72 -13.76 2.46
CA LEU A 40 -17.43 -15.14 2.12
C LEU A 40 -18.79 -15.79 1.94
N PRO A 41 -19.11 -16.29 0.72
CA PRO A 41 -20.42 -16.92 0.52
C PRO A 41 -20.53 -18.20 1.35
N ASN A 42 -21.71 -18.47 1.96
CA ASN A 42 -22.01 -19.65 2.78
C ASN A 42 -20.78 -20.17 3.58
N PRO A 43 -20.35 -19.43 4.61
CA PRO A 43 -19.16 -19.86 5.36
C PRO A 43 -19.36 -21.20 6.06
N GLN A 44 -18.27 -21.91 6.29
CA GLN A 44 -18.27 -23.18 7.01
C GLN A 44 -18.52 -22.93 8.50
N GLU A 45 -19.38 -23.73 9.14
CA GLU A 45 -19.69 -23.57 10.56
C GLU A 45 -18.90 -24.51 11.45
N ASN A 46 -18.61 -25.71 10.96
CA ASN A 46 -17.89 -26.69 11.74
C ASN A 46 -16.57 -27.07 11.10
N LEU A 47 -15.55 -27.27 11.91
CA LEU A 47 -14.24 -27.71 11.45
C LEU A 47 -14.17 -29.27 11.50
N PRO A 48 -13.20 -29.94 10.82
CA PRO A 48 -13.06 -31.40 11.00
C PRO A 48 -12.87 -31.75 12.50
N ASP A 49 -13.40 -32.91 12.94
CA ASP A 49 -13.37 -33.38 14.33
C ASP A 49 -12.01 -33.26 15.02
N PHE A 50 -10.93 -33.27 14.23
CA PHE A 50 -9.56 -33.12 14.72
C PHE A 50 -9.37 -31.81 15.52
N TYR A 51 -10.16 -30.76 15.17
CA TYR A 51 -10.05 -29.46 15.80
C TYR A 51 -11.13 -29.16 16.82
N ASN A 52 -11.82 -30.21 17.34
CA ASN A 52 -12.89 -30.07 18.34
C ASN A 52 -12.46 -29.26 19.58
N ASP A 53 -11.18 -29.35 19.96
CA ASP A 53 -10.69 -28.62 21.14
C ASP A 53 -10.62 -27.11 20.89
N TRP A 54 -10.36 -26.69 19.63
CA TRP A 54 -10.34 -25.28 19.26
C TRP A 54 -11.78 -24.78 19.27
N MET A 55 -12.68 -25.55 18.62
CA MET A 55 -14.09 -25.23 18.49
C MET A 55 -14.81 -25.11 19.81
N PHE A 56 -14.46 -25.95 20.80
CA PHE A 56 -15.09 -25.87 22.11
C PHE A 56 -14.79 -24.51 22.77
N ILE A 57 -13.52 -24.10 22.76
CA ILE A 57 -13.12 -22.82 23.35
C ILE A 57 -13.81 -21.64 22.65
N ALA A 58 -13.71 -21.57 21.30
CA ALA A 58 -14.35 -20.54 20.47
C ALA A 58 -15.87 -20.45 20.66
N LYS A 59 -16.56 -21.58 20.73
CA LYS A 59 -18.00 -21.58 20.93
C LYS A 59 -18.44 -21.18 22.34
N HIS A 60 -17.53 -21.26 23.31
CA HIS A 60 -17.86 -20.98 24.70
C HIS A 60 -17.02 -19.85 25.29
N LEU A 61 -16.64 -18.87 24.45
CA LEU A 61 -15.89 -17.71 24.95
C LEU A 61 -16.64 -16.97 26.07
N PRO A 62 -17.96 -16.63 25.92
CA PRO A 62 -18.65 -15.94 27.01
C PRO A 62 -18.52 -16.64 28.37
N ASP A 63 -18.75 -17.96 28.42
CA ASP A 63 -18.68 -18.75 29.65
C ASP A 63 -17.29 -18.94 30.18
N LEU A 64 -16.32 -19.26 29.32
CA LEU A 64 -14.95 -19.47 29.78
C LEU A 64 -14.31 -18.18 30.26
N ILE A 65 -14.64 -17.04 29.64
CA ILE A 65 -14.08 -15.76 30.04
C ILE A 65 -14.62 -15.38 31.40
N GLU A 66 -15.95 -15.37 31.53
CA GLU A 66 -16.64 -14.97 32.74
C GLU A 66 -16.20 -15.80 33.96
N SER A 67 -16.00 -17.11 33.77
CA SER A 67 -15.60 -18.01 34.84
C SER A 67 -14.10 -18.04 35.15
N GLY A 68 -13.29 -17.32 34.38
CA GLY A 68 -11.83 -17.30 34.57
C GLY A 68 -11.16 -18.59 34.13
N GLN A 69 -11.83 -19.39 33.29
CA GLN A 69 -11.31 -20.68 32.83
C GLN A 69 -10.69 -20.65 31.44
N LEU A 70 -10.84 -19.55 30.70
CA LEU A 70 -10.40 -19.48 29.31
C LEU A 70 -8.90 -19.64 29.11
N ARG A 71 -8.09 -18.82 29.80
CA ARG A 71 -6.64 -18.89 29.66
C ARG A 71 -6.07 -20.29 29.97
N GLU A 72 -6.66 -21.00 30.94
CA GLU A 72 -6.27 -22.36 31.29
C GLU A 72 -6.60 -23.36 30.17
N ARG A 73 -7.80 -23.26 29.55
CA ARG A 73 -8.17 -24.15 28.43
C ARG A 73 -7.25 -23.95 27.23
N VAL A 74 -6.81 -22.70 27.00
CA VAL A 74 -5.92 -22.38 25.90
C VAL A 74 -4.55 -22.97 26.22
N GLU A 75 -4.06 -22.74 27.46
CA GLU A 75 -2.76 -23.26 27.88
C GLU A 75 -2.69 -24.80 27.94
N LYS A 76 -3.83 -25.48 28.10
CA LYS A 76 -3.89 -26.93 28.13
C LYS A 76 -3.96 -27.59 26.74
N LEU A 77 -4.21 -26.80 25.67
CA LEU A 77 -4.29 -27.31 24.31
C LEU A 77 -2.98 -27.93 23.81
N ASN A 78 -3.10 -28.88 22.90
CA ASN A 78 -1.96 -29.46 22.19
C ASN A 78 -1.81 -28.71 20.85
N MET A 79 -0.56 -28.63 20.32
CA MET A 79 -0.34 -27.93 19.06
C MET A 79 -0.93 -28.76 17.96
N LEU A 80 -1.99 -28.26 17.33
CA LEU A 80 -2.64 -28.95 16.24
C LEU A 80 -2.05 -28.49 14.91
N SER A 81 -1.85 -29.44 13.99
CA SER A 81 -1.30 -29.14 12.66
C SER A 81 -2.38 -28.50 11.80
N ILE A 82 -2.00 -27.53 10.96
CA ILE A 82 -2.98 -26.91 10.06
C ILE A 82 -3.25 -27.74 8.79
N ASP A 83 -2.46 -28.82 8.56
CA ASP A 83 -2.57 -29.67 7.38
C ASP A 83 -3.96 -30.23 7.11
N HIS A 84 -4.79 -30.43 8.15
CA HIS A 84 -6.13 -30.99 7.99
C HIS A 84 -7.20 -29.95 7.55
N LEU A 85 -6.80 -28.68 7.36
CA LEU A 85 -7.69 -27.62 6.86
C LEU A 85 -7.41 -27.54 5.34
N THR A 86 -8.10 -28.39 4.58
CA THR A 86 -7.86 -28.62 3.14
C THR A 86 -8.35 -27.55 2.16
N ASP A 87 -9.45 -26.83 2.47
CA ASP A 87 -9.97 -25.82 1.54
C ASP A 87 -9.95 -24.39 2.15
N HIS A 88 -10.25 -23.37 1.33
CA HIS A 88 -10.26 -21.98 1.76
C HIS A 88 -11.30 -21.76 2.86
N LYS A 89 -12.51 -22.31 2.72
CA LYS A 89 -13.56 -22.13 3.71
C LYS A 89 -13.22 -22.69 5.10
N SER A 90 -12.56 -23.85 5.18
CA SER A 90 -12.14 -24.39 6.48
C SER A 90 -10.97 -23.59 7.06
N GLN A 91 -10.10 -23.04 6.19
CA GLN A 91 -9.00 -22.20 6.63
C GLN A 91 -9.52 -20.85 7.15
N ARG A 92 -10.60 -20.33 6.54
CA ARG A 92 -11.19 -19.07 6.95
C ARG A 92 -11.90 -19.22 8.30
N LEU A 93 -12.58 -20.36 8.53
CA LEU A 93 -13.27 -20.66 9.77
C LEU A 93 -12.27 -20.80 10.89
N ALA A 94 -11.17 -21.53 10.62
CA ALA A 94 -10.12 -21.72 11.62
C ALA A 94 -9.48 -20.40 12.01
N ARG A 95 -9.35 -19.46 11.07
CA ARG A 95 -8.81 -18.13 11.32
C ARG A 95 -9.75 -17.30 12.21
N LEU A 96 -11.06 -17.47 12.01
CA LEU A 96 -12.07 -16.80 12.81
C LEU A 96 -12.07 -17.39 14.24
N VAL A 97 -12.01 -18.73 14.33
CA VAL A 97 -11.91 -19.49 15.59
C VAL A 97 -10.69 -19.05 16.40
N LEU A 98 -9.48 -19.15 15.82
CA LEU A 98 -8.24 -18.79 16.50
C LEU A 98 -8.11 -17.30 16.83
N GLY A 99 -8.68 -16.46 15.98
CA GLY A 99 -8.63 -15.02 16.18
C GLY A 99 -9.51 -14.59 17.32
N CYS A 100 -10.70 -15.19 17.44
CA CYS A 100 -11.61 -14.92 18.56
C CYS A 100 -10.97 -15.41 19.86
N ILE A 101 -10.34 -16.60 19.82
CA ILE A 101 -9.67 -17.14 20.98
C ILE A 101 -8.50 -16.25 21.40
N THR A 102 -7.73 -15.72 20.42
CA THR A 102 -6.61 -14.83 20.71
C THR A 102 -7.06 -13.53 21.38
N MET A 103 -8.16 -12.90 20.90
CA MET A 103 -8.68 -11.68 21.53
C MET A 103 -9.08 -11.97 23.00
N ALA A 104 -9.75 -13.09 23.25
CA ALA A 104 -10.17 -13.46 24.60
C ALA A 104 -8.99 -13.79 25.50
N TYR A 105 -7.96 -14.44 24.95
CA TYR A 105 -6.78 -14.80 25.71
C TYR A 105 -6.00 -13.56 26.10
N VAL A 106 -5.76 -12.67 25.14
CA VAL A 106 -5.03 -11.44 25.41
C VAL A 106 -5.78 -10.54 26.40
N TRP A 107 -7.07 -10.28 26.16
CA TRP A 107 -7.82 -9.33 26.96
C TRP A 107 -8.48 -9.87 28.21
N GLY A 108 -8.70 -11.18 28.29
CA GLY A 108 -9.34 -11.81 29.44
C GLY A 108 -10.72 -11.25 29.70
N LYS A 109 -10.99 -10.84 30.95
CA LYS A 109 -12.29 -10.22 31.28
C LYS A 109 -12.40 -8.74 30.83
N GLY A 110 -11.31 -8.18 30.31
CA GLY A 110 -11.25 -6.82 29.83
C GLY A 110 -11.10 -5.77 30.90
N HIS A 111 -10.37 -6.08 31.99
CA HIS A 111 -10.23 -5.11 33.08
C HIS A 111 -8.80 -4.84 33.50
N GLY A 112 -7.87 -4.91 32.57
CA GLY A 112 -6.49 -4.58 32.86
C GLY A 112 -5.54 -5.75 32.95
N ASP A 113 -6.04 -6.96 33.24
CA ASP A 113 -5.19 -8.13 33.31
C ASP A 113 -4.99 -8.67 31.89
N VAL A 114 -3.95 -8.20 31.22
CA VAL A 114 -3.64 -8.58 29.85
C VAL A 114 -2.63 -9.74 29.83
N ARG A 115 -2.50 -10.42 28.68
CA ARG A 115 -1.49 -11.46 28.47
C ARG A 115 -0.61 -10.94 27.33
N LYS A 116 0.71 -10.87 27.55
CA LYS A 116 1.62 -10.36 26.52
C LYS A 116 2.28 -11.43 25.64
N VAL A 117 2.00 -12.71 25.93
CA VAL A 117 2.56 -13.83 25.18
C VAL A 117 1.41 -14.75 24.82
N LEU A 118 1.30 -15.13 23.54
CA LEU A 118 0.28 -16.06 23.09
C LEU A 118 0.94 -17.46 23.08
N PRO A 119 0.37 -18.46 23.79
CA PRO A 119 1.00 -19.78 23.83
C PRO A 119 1.27 -20.41 22.47
N ARG A 120 2.44 -21.03 22.31
CA ARG A 120 2.89 -21.67 21.08
C ARG A 120 1.89 -22.63 20.48
N ASN A 121 1.14 -23.36 21.31
CA ASN A 121 0.17 -24.33 20.81
C ASN A 121 -1.01 -23.69 20.06
N ILE A 122 -1.20 -22.35 20.21
CA ILE A 122 -2.23 -21.62 19.48
C ILE A 122 -1.56 -20.63 18.51
N ALA A 123 -0.49 -19.92 18.93
CA ALA A 123 0.26 -18.96 18.10
C ALA A 123 0.91 -19.58 16.87
N VAL A 124 1.52 -20.79 16.99
CA VAL A 124 2.16 -21.42 15.84
C VAL A 124 1.11 -21.73 14.75
N PRO A 125 0.03 -22.51 15.03
CA PRO A 125 -0.96 -22.76 13.95
C PRO A 125 -1.71 -21.52 13.48
N TYR A 126 -1.81 -20.48 14.33
CA TYR A 126 -2.50 -19.25 13.96
C TYR A 126 -1.66 -18.50 12.95
N CYS A 127 -0.36 -18.34 13.24
CA CYS A 127 0.54 -17.65 12.34
C CYS A 127 0.78 -18.43 11.05
N GLN A 128 0.79 -19.77 11.11
CA GLN A 128 0.99 -20.57 9.90
C GLN A 128 -0.22 -20.43 8.95
N LEU A 129 -1.43 -20.50 9.51
CA LEU A 129 -2.66 -20.35 8.77
C LEU A 129 -2.80 -18.90 8.23
N SER A 130 -2.32 -17.91 8.99
CA SER A 130 -2.35 -16.50 8.62
C SER A 130 -1.43 -16.25 7.44
N LYS A 131 -0.22 -16.85 7.46
CA LYS A 131 0.78 -16.76 6.39
C LYS A 131 0.21 -17.38 5.10
N LYS A 132 -0.52 -18.50 5.24
CA LYS A 132 -1.16 -19.20 4.13
C LYS A 132 -2.23 -18.32 3.46
N LEU A 133 -3.05 -17.64 4.25
CA LEU A 133 -4.11 -16.78 3.73
C LEU A 133 -3.69 -15.32 3.48
N GLU A 134 -2.41 -14.99 3.71
CA GLU A 134 -1.85 -13.64 3.54
C GLU A 134 -2.59 -12.60 4.36
N LEU A 135 -2.89 -12.95 5.60
CA LEU A 135 -3.57 -12.05 6.52
C LEU A 135 -2.76 -12.01 7.81
N PRO A 136 -2.77 -10.89 8.54
CA PRO A 136 -2.02 -10.82 9.81
C PRO A 136 -2.62 -11.71 10.90
N PRO A 137 -1.80 -12.17 11.87
CA PRO A 137 -2.34 -13.03 12.93
C PRO A 137 -3.05 -12.24 14.05
N ILE A 138 -4.18 -11.64 13.69
CA ILE A 138 -5.09 -10.87 14.53
C ILE A 138 -6.45 -10.93 13.85
N LEU A 139 -7.52 -10.82 14.62
CA LEU A 139 -8.86 -10.84 14.09
C LEU A 139 -9.07 -9.61 13.19
N VAL A 140 -9.46 -9.84 11.94
CA VAL A 140 -9.72 -8.76 10.99
C VAL A 140 -11.21 -8.72 10.62
N TYR A 141 -11.65 -7.67 9.92
CA TYR A 141 -13.01 -7.50 9.43
C TYR A 141 -13.47 -8.71 8.56
N ALA A 142 -12.60 -9.23 7.68
CA ALA A 142 -12.92 -10.40 6.87
C ALA A 142 -13.17 -11.67 7.71
N ASP A 143 -12.71 -11.71 8.97
CA ASP A 143 -12.98 -12.81 9.87
C ASP A 143 -14.29 -12.54 10.62
N CYS A 144 -14.34 -11.47 11.46
CA CYS A 144 -15.49 -11.23 12.34
C CYS A 144 -16.74 -10.75 11.62
N VAL A 145 -16.66 -10.30 10.36
CA VAL A 145 -17.87 -9.86 9.66
C VAL A 145 -18.14 -10.74 8.43
N LEU A 146 -17.18 -10.81 7.51
CA LEU A 146 -17.35 -11.50 6.24
C LEU A 146 -17.45 -13.00 6.34
N ALA A 147 -16.78 -13.63 7.32
CA ALA A 147 -16.85 -15.10 7.48
C ALA A 147 -17.57 -15.55 8.77
N ASN A 148 -18.03 -14.60 9.61
CA ASN A 148 -18.69 -14.88 10.88
C ASN A 148 -20.22 -14.91 10.75
N TRP A 149 -20.73 -15.69 9.79
CA TRP A 149 -22.17 -15.74 9.59
C TRP A 149 -22.68 -17.06 9.02
N LYS A 150 -23.98 -17.28 9.14
CA LYS A 150 -24.68 -18.44 8.61
C LYS A 150 -26.13 -18.09 8.35
N LYS A 151 -26.75 -18.86 7.45
CA LYS A 151 -28.19 -18.76 7.23
C LYS A 151 -28.78 -19.84 8.16
N LYS A 152 -29.85 -19.49 8.89
CA LYS A 152 -30.56 -20.45 9.75
C LYS A 152 -31.25 -21.47 8.82
N ASP A 153 -31.94 -20.98 7.77
CA ASP A 153 -32.60 -21.82 6.79
C ASP A 153 -32.01 -21.47 5.41
N PRO A 154 -31.26 -22.41 4.80
CA PRO A 154 -30.67 -22.14 3.47
C PRO A 154 -31.67 -21.80 2.36
N ASN A 155 -32.95 -22.13 2.56
CA ASN A 155 -33.98 -21.85 1.55
C ASN A 155 -34.71 -20.53 1.76
N LYS A 156 -34.36 -19.77 2.81
CA LYS A 156 -34.93 -18.46 3.07
C LYS A 156 -33.88 -17.36 2.71
N PRO A 157 -34.29 -16.11 2.40
CA PRO A 157 -33.30 -15.10 1.95
C PRO A 157 -32.36 -14.52 3.04
N LEU A 158 -31.42 -13.67 2.61
CA LEU A 158 -30.44 -13.04 3.47
C LEU A 158 -31.05 -11.86 4.23
N THR A 159 -31.83 -12.17 5.25
CA THR A 159 -32.46 -11.20 6.14
C THR A 159 -31.96 -11.45 7.57
N TYR A 160 -32.00 -10.43 8.45
CA TYR A 160 -31.52 -10.57 9.82
C TYR A 160 -32.16 -11.75 10.56
N GLU A 161 -33.47 -11.95 10.38
CA GLU A 161 -34.22 -13.04 11.03
C GLU A 161 -33.74 -14.42 10.62
N ASN A 162 -33.26 -14.56 9.39
CA ASN A 162 -32.75 -15.83 8.90
C ASN A 162 -31.22 -15.95 9.01
N MET A 163 -30.57 -15.13 9.85
CA MET A 163 -29.12 -15.16 9.97
C MET A 163 -28.65 -15.14 11.40
N ASP A 164 -27.43 -15.58 11.60
CA ASP A 164 -26.78 -15.59 12.90
C ASP A 164 -25.26 -15.51 12.69
N VAL A 165 -24.55 -15.05 13.71
CA VAL A 165 -23.10 -15.03 13.69
C VAL A 165 -22.62 -16.37 14.21
N LEU A 166 -21.38 -16.74 13.90
CA LEU A 166 -20.86 -18.00 14.38
C LEU A 166 -20.26 -17.85 15.79
N PHE A 167 -19.58 -16.72 16.07
CA PHE A 167 -18.90 -16.51 17.35
C PHE A 167 -19.15 -15.17 18.01
N SER A 168 -19.20 -15.17 19.35
CA SER A 168 -19.39 -14.05 20.24
C SER A 168 -18.28 -13.99 21.30
N PHE A 169 -18.12 -12.86 21.98
CA PHE A 169 -17.10 -12.73 23.02
C PHE A 169 -17.67 -12.85 24.43
N ARG A 170 -18.71 -12.10 24.74
CA ARG A 170 -19.35 -12.07 26.05
C ARG A 170 -20.86 -12.15 25.90
N ASP A 171 -21.53 -12.55 26.98
CA ASP A 171 -22.97 -12.64 27.05
C ASP A 171 -23.50 -11.19 27.01
N GLY A 172 -24.38 -10.90 26.07
CA GLY A 172 -24.94 -9.56 25.93
C GLY A 172 -24.03 -8.52 25.31
N ASP A 173 -22.98 -8.95 24.57
CA ASP A 173 -22.05 -8.00 23.94
C ASP A 173 -22.59 -7.33 22.68
N CYS A 174 -23.75 -7.80 22.16
CA CYS A 174 -24.38 -7.30 20.93
C CYS A 174 -23.52 -7.53 19.70
N SER A 175 -22.61 -8.52 19.74
CA SER A 175 -21.74 -8.83 18.62
C SER A 175 -22.54 -9.38 17.44
N LYS A 176 -23.66 -10.07 17.69
CA LYS A 176 -24.51 -10.56 16.59
C LYS A 176 -25.08 -9.36 15.81
N GLY A 177 -25.70 -8.41 16.50
CA GLY A 177 -26.23 -7.22 15.88
C GLY A 177 -25.18 -6.39 15.19
N PHE A 178 -24.04 -6.16 15.87
CA PHE A 178 -22.97 -5.34 15.30
C PHE A 178 -22.39 -5.97 14.03
N PHE A 179 -21.94 -7.24 14.11
CA PHE A 179 -21.35 -7.92 12.97
C PHE A 179 -22.35 -8.19 11.85
N LEU A 180 -23.61 -8.58 12.18
CA LEU A 180 -24.61 -8.89 11.16
C LEU A 180 -25.12 -7.68 10.41
N VAL A 181 -25.32 -6.56 11.10
CA VAL A 181 -25.78 -5.34 10.41
C VAL A 181 -24.66 -4.80 9.49
N SER A 182 -23.37 -4.92 9.89
CA SER A 182 -22.26 -4.52 9.01
C SER A 182 -22.28 -5.43 7.76
N LEU A 183 -22.50 -6.73 7.95
CA LEU A 183 -22.57 -7.70 6.87
C LEU A 183 -23.74 -7.40 5.93
N LEU A 184 -24.90 -7.05 6.47
CA LEU A 184 -26.06 -6.72 5.65
C LEU A 184 -25.81 -5.45 4.83
N VAL A 185 -25.06 -4.48 5.36
CA VAL A 185 -24.72 -3.26 4.64
C VAL A 185 -23.71 -3.62 3.52
N GLU A 186 -22.69 -4.46 3.83
CA GLU A 186 -21.71 -4.99 2.86
C GLU A 186 -22.43 -5.65 1.68
N ILE A 187 -23.42 -6.51 2.00
CA ILE A 187 -24.19 -7.24 0.99
C ILE A 187 -25.02 -6.28 0.13
N ALA A 188 -25.67 -5.27 0.76
CA ALA A 188 -26.48 -4.29 0.05
C ALA A 188 -25.61 -3.50 -0.92
N ALA A 189 -24.41 -3.08 -0.47
CA ALA A 189 -23.45 -2.33 -1.29
C ALA A 189 -22.86 -3.17 -2.44
N ALA A 190 -22.84 -4.49 -2.29
CA ALA A 190 -22.31 -5.43 -3.26
C ALA A 190 -23.08 -5.49 -4.56
N SER A 191 -24.37 -5.16 -4.54
CA SER A 191 -25.16 -5.14 -5.77
C SER A 191 -24.69 -4.01 -6.73
N ALA A 192 -23.93 -3.02 -6.22
CA ALA A 192 -23.38 -1.97 -7.07
C ALA A 192 -22.03 -2.36 -7.70
N ILE A 193 -21.34 -3.39 -7.16
CA ILE A 193 -20.05 -3.87 -7.65
C ILE A 193 -20.18 -4.46 -9.04
N LYS A 194 -21.28 -5.17 -9.30
CA LYS A 194 -21.51 -5.76 -10.62
C LYS A 194 -21.62 -4.68 -11.73
N VAL A 195 -21.93 -3.44 -11.36
CA VAL A 195 -22.04 -2.31 -12.28
C VAL A 195 -20.66 -1.72 -12.65
N ILE A 196 -19.61 -1.98 -11.85
CA ILE A 196 -18.27 -1.47 -12.10
C ILE A 196 -17.77 -1.80 -13.54
N PRO A 197 -17.83 -3.05 -14.05
CA PRO A 197 -17.37 -3.29 -15.43
C PRO A 197 -18.21 -2.56 -16.49
N THR A 198 -19.50 -2.31 -16.20
CA THR A 198 -20.37 -1.55 -17.11
C THR A 198 -19.86 -0.10 -17.22
N VAL A 199 -19.39 0.49 -16.09
CA VAL A 199 -18.84 1.84 -16.04
C VAL A 199 -17.54 1.98 -16.87
N PHE A 200 -16.59 1.05 -16.68
CA PHE A 200 -15.34 1.10 -17.43
C PHE A 200 -15.52 0.79 -18.91
N LYS A 201 -16.47 -0.08 -19.26
CA LYS A 201 -16.74 -0.39 -20.67
C LYS A 201 -17.40 0.82 -21.33
N ALA A 202 -18.36 1.47 -20.64
CA ALA A 202 -19.05 2.65 -21.15
C ALA A 202 -18.08 3.79 -21.39
N MET A 203 -17.10 3.99 -20.50
CA MET A 203 -16.10 5.04 -20.69
C MET A 203 -15.22 4.78 -21.91
N GLN A 204 -14.71 3.54 -22.05
CA GLN A 204 -13.83 3.10 -23.13
C GLN A 204 -14.53 3.23 -24.49
N MET A 205 -15.73 2.67 -24.60
CA MET A 205 -16.54 2.71 -25.80
C MET A 205 -17.25 4.05 -26.01
N GLN A 206 -17.08 5.04 -25.11
CA GLN A 206 -17.72 6.34 -25.18
C GLN A 206 -19.24 6.21 -25.31
N GLU A 207 -19.85 5.40 -24.45
CA GLU A 207 -21.29 5.18 -24.41
C GLU A 207 -21.87 6.01 -23.28
N ARG A 208 -22.11 7.28 -23.56
CA ARG A 208 -22.62 8.26 -22.59
C ARG A 208 -23.90 7.81 -21.85
N ASP A 209 -24.93 7.37 -22.59
CA ASP A 209 -26.18 6.97 -21.97
C ASP A 209 -26.01 5.75 -21.09
N THR A 210 -25.16 4.80 -21.52
CA THR A 210 -24.87 3.59 -20.73
C THR A 210 -24.21 3.99 -19.40
N LEU A 211 -23.21 4.89 -19.44
CA LEU A 211 -22.49 5.40 -18.28
C LEU A 211 -23.43 6.07 -17.30
N LEU A 212 -24.35 6.89 -17.80
CA LEU A 212 -25.28 7.60 -16.95
C LEU A 212 -26.21 6.63 -16.22
N LYS A 213 -26.72 5.62 -16.94
CA LYS A 213 -27.61 4.63 -16.35
C LYS A 213 -26.87 3.82 -15.27
N ALA A 214 -25.62 3.46 -15.56
CA ALA A 214 -24.74 2.72 -14.65
C ALA A 214 -24.44 3.52 -13.37
N LEU A 215 -24.12 4.82 -13.49
CA LEU A 215 -23.89 5.66 -12.32
C LEU A 215 -25.14 5.82 -11.48
N LEU A 216 -26.31 5.95 -12.11
CA LEU A 216 -27.57 6.05 -11.36
C LEU A 216 -27.93 4.73 -10.67
N GLU A 217 -27.51 3.60 -11.24
CA GLU A 217 -27.77 2.29 -10.65
C GLU A 217 -26.88 2.08 -9.41
N ILE A 218 -25.63 2.56 -9.46
CA ILE A 218 -24.70 2.50 -8.33
C ILE A 218 -25.26 3.36 -7.20
N ALA A 219 -25.74 4.57 -7.52
CA ALA A 219 -26.32 5.47 -6.54
C ALA A 219 -27.54 4.82 -5.88
N SER A 220 -28.40 4.18 -6.68
CA SER A 220 -29.58 3.49 -6.18
C SER A 220 -29.20 2.41 -5.16
N CYS A 221 -28.12 1.65 -5.41
CA CYS A 221 -27.64 0.61 -4.50
C CYS A 221 -27.10 1.18 -3.20
N LEU A 222 -26.32 2.25 -3.28
CA LEU A 222 -25.77 2.91 -2.10
C LEU A 222 -26.84 3.59 -1.25
N GLU A 223 -27.91 4.09 -1.90
CA GLU A 223 -29.03 4.72 -1.19
C GLU A 223 -29.80 3.66 -0.41
N LYS A 224 -30.01 2.48 -1.03
CA LYS A 224 -30.69 1.34 -0.42
C LYS A 224 -29.91 0.81 0.78
N ALA A 225 -28.56 0.82 0.68
CA ALA A 225 -27.67 0.39 1.76
C ALA A 225 -27.80 1.26 3.04
N LEU A 226 -28.23 2.52 2.88
CA LEU A 226 -28.45 3.41 4.03
C LEU A 226 -29.67 2.94 4.84
N GLN A 227 -30.71 2.45 4.16
CA GLN A 227 -31.89 1.93 4.84
C GLN A 227 -31.54 0.68 5.66
N VAL A 228 -30.64 -0.16 5.13
CA VAL A 228 -30.14 -1.37 5.78
C VAL A 228 -29.42 -1.02 7.08
N PHE A 229 -28.66 0.07 7.10
CA PHE A 229 -27.94 0.61 8.25
C PHE A 229 -28.87 0.95 9.42
N HIS A 230 -30.13 1.38 9.14
CA HIS A 230 -31.09 1.75 10.19
C HIS A 230 -31.37 0.62 11.19
N GLN A 231 -31.18 -0.65 10.76
CA GLN A 231 -31.38 -1.82 11.61
C GLN A 231 -30.46 -1.87 12.83
N ILE A 232 -29.37 -1.10 12.85
CA ILE A 232 -28.41 -1.10 13.93
C ILE A 232 -29.05 -0.85 15.30
N HIS A 233 -30.04 0.05 15.33
CA HIS A 233 -30.71 0.43 16.59
C HIS A 233 -31.53 -0.67 17.24
N ASP A 234 -32.06 -1.60 16.44
CA ASP A 234 -32.87 -2.70 17.00
C ASP A 234 -32.03 -3.87 17.49
N HIS A 235 -30.71 -3.93 17.16
CA HIS A 235 -29.91 -5.09 17.53
C HIS A 235 -28.64 -4.76 18.32
N VAL A 236 -28.38 -3.50 18.62
CA VAL A 236 -27.19 -3.10 19.39
C VAL A 236 -27.61 -2.05 20.41
N ASN A 237 -27.16 -2.17 21.67
CA ASN A 237 -27.42 -1.15 22.67
C ASN A 237 -26.09 -0.49 23.08
N PRO A 238 -26.10 0.83 23.27
CA PRO A 238 -24.84 1.55 23.55
C PRO A 238 -24.00 1.11 24.76
N LYS A 239 -24.64 0.75 25.89
CA LYS A 239 -23.89 0.36 27.08
C LYS A 239 -23.14 -0.93 26.83
N ALA A 240 -23.82 -1.96 26.32
CA ALA A 240 -23.20 -3.23 26.02
C ALA A 240 -22.13 -3.11 24.95
N PHE A 241 -22.38 -2.28 23.90
CA PHE A 241 -21.38 -2.12 22.85
C PHE A 241 -20.10 -1.49 23.39
N PHE A 242 -20.22 -0.33 24.05
CA PHE A 242 -19.07 0.39 24.53
C PHE A 242 -18.34 -0.29 25.70
N SER A 243 -19.06 -0.72 26.73
CA SER A 243 -18.43 -1.31 27.90
C SER A 243 -17.98 -2.75 27.71
N VAL A 244 -18.55 -3.47 26.73
CA VAL A 244 -18.22 -4.87 26.56
C VAL A 244 -17.56 -5.16 25.20
N LEU A 245 -18.28 -4.96 24.07
CA LEU A 245 -17.73 -5.31 22.76
C LEU A 245 -16.42 -4.60 22.40
N ARG A 246 -16.32 -3.31 22.70
CA ARG A 246 -15.15 -2.48 22.40
C ARG A 246 -13.82 -3.12 22.83
N ILE A 247 -13.78 -3.72 24.01
CA ILE A 247 -12.61 -4.36 24.58
C ILE A 247 -11.99 -5.43 23.67
N TYR A 248 -12.82 -6.34 23.16
CA TYR A 248 -12.35 -7.45 22.33
C TYR A 248 -12.05 -7.06 20.90
N LEU A 249 -12.49 -5.88 20.45
CA LEU A 249 -12.19 -5.39 19.12
C LEU A 249 -10.80 -4.73 19.05
N SER A 250 -10.18 -4.41 20.21
CA SER A 250 -8.86 -3.77 20.32
C SER A 250 -7.70 -4.62 19.86
N GLY A 251 -6.72 -3.96 19.25
CA GLY A 251 -5.51 -4.60 18.79
C GLY A 251 -4.30 -4.21 19.59
N TRP A 252 -3.13 -4.42 19.02
CA TRP A 252 -1.87 -4.12 19.72
C TRP A 252 -0.92 -3.35 18.84
N LYS A 253 -1.36 -2.22 18.30
CA LYS A 253 -0.53 -1.33 17.52
C LYS A 253 -0.80 0.04 18.12
N GLY A 254 0.22 0.62 18.75
CA GLY A 254 0.06 1.89 19.46
C GLY A 254 -0.86 1.75 20.67
N ASN A 255 -0.95 0.54 21.24
CA ASN A 255 -1.80 0.32 22.38
C ASN A 255 -0.99 0.39 23.65
N PRO A 256 -1.28 1.34 24.54
CA PRO A 256 -0.53 1.43 25.80
C PRO A 256 -0.52 0.14 26.64
N GLN A 257 -1.60 -0.66 26.61
CA GLN A 257 -1.70 -1.92 27.35
C GLN A 257 -0.75 -3.01 26.84
N LEU A 258 -0.32 -2.92 25.55
CA LEU A 258 0.59 -3.86 24.90
C LEU A 258 1.49 -3.02 23.97
N SER A 259 2.21 -2.02 24.55
CA SER A 259 3.06 -1.05 23.87
C SER A 259 4.07 -1.62 22.90
N ASP A 260 4.52 -2.86 23.11
CA ASP A 260 5.46 -3.50 22.19
C ASP A 260 4.84 -4.55 21.25
N GLY A 261 3.55 -4.83 21.43
CA GLY A 261 2.84 -5.83 20.64
C GLY A 261 2.69 -7.15 21.37
N LEU A 262 2.27 -8.17 20.64
CA LEU A 262 2.05 -9.48 21.21
C LEU A 262 3.18 -10.43 20.81
N VAL A 263 3.60 -11.32 21.73
CA VAL A 263 4.61 -12.31 21.38
C VAL A 263 3.88 -13.54 20.85
N TYR A 264 4.22 -13.96 19.64
CA TYR A 264 3.63 -15.12 18.99
C TYR A 264 4.60 -16.28 19.18
N GLU A 265 4.62 -16.84 20.41
CA GLU A 265 5.51 -17.90 20.88
C GLU A 265 5.70 -19.04 19.90
N GLY A 266 6.96 -19.34 19.59
CA GLY A 266 7.30 -20.40 18.65
C GLY A 266 7.30 -19.99 17.20
N PHE A 267 6.82 -18.75 16.90
CA PHE A 267 6.75 -18.26 15.53
C PHE A 267 7.71 -17.09 15.29
N TRP A 268 7.71 -16.08 16.17
CA TRP A 268 8.62 -14.93 16.07
C TRP A 268 9.20 -14.68 17.43
N GLU A 269 10.47 -14.22 17.48
CA GLU A 269 11.15 -13.96 18.75
C GLU A 269 10.63 -12.72 19.45
N ASP A 270 10.48 -11.62 18.69
CA ASP A 270 10.06 -10.31 19.20
C ASP A 270 8.53 -10.15 19.18
N PRO A 271 7.99 -9.29 20.06
CA PRO A 271 6.55 -9.01 19.99
C PRO A 271 6.22 -8.21 18.73
N LYS A 272 5.17 -8.62 18.01
CA LYS A 272 4.73 -7.95 16.79
C LYS A 272 3.49 -7.10 17.02
N GLU A 273 3.43 -5.93 16.39
CA GLU A 273 2.29 -5.02 16.49
C GLU A 273 1.34 -5.17 15.31
N PHE A 274 0.06 -5.39 15.58
CA PHE A 274 -0.97 -5.49 14.54
C PHE A 274 -2.21 -4.70 15.03
N ALA A 275 -2.80 -3.90 14.15
CA ALA A 275 -3.98 -3.10 14.46
C ALA A 275 -5.20 -3.99 14.60
N GLY A 276 -6.15 -3.56 15.45
CA GLY A 276 -7.36 -4.33 15.69
C GLY A 276 -8.33 -4.29 14.53
N GLY A 277 -9.37 -5.15 14.57
CA GLY A 277 -10.40 -5.22 13.54
C GLY A 277 -11.03 -3.86 13.26
N SER A 278 -11.21 -3.56 11.99
CA SER A 278 -11.74 -2.28 11.60
C SER A 278 -12.60 -2.36 10.35
N ALA A 279 -13.72 -1.62 10.33
CA ALA A 279 -14.49 -1.50 9.11
C ALA A 279 -13.72 -0.66 8.05
N GLY A 280 -12.59 -0.04 8.42
CA GLY A 280 -11.64 0.58 7.50
C GLY A 280 -10.97 -0.48 6.63
N GLN A 281 -11.07 -1.77 7.01
CA GLN A 281 -10.63 -2.95 6.25
C GLN A 281 -11.74 -3.44 5.29
N SER A 282 -12.94 -2.82 5.29
CA SER A 282 -14.00 -3.20 4.36
C SER A 282 -13.56 -2.81 2.95
N SER A 283 -13.67 -3.74 2.01
CA SER A 283 -13.28 -3.48 0.63
C SER A 283 -14.37 -2.77 -0.15
N VAL A 284 -15.65 -2.93 0.25
CA VAL A 284 -16.75 -2.40 -0.53
C VAL A 284 -16.80 -0.88 -0.46
N PHE A 285 -16.48 -0.29 0.68
CA PHE A 285 -16.48 1.16 0.81
C PHE A 285 -15.25 1.78 0.16
N GLN A 286 -14.10 1.10 0.28
CA GLN A 286 -12.88 1.58 -0.34
C GLN A 286 -13.00 1.51 -1.87
N CYS A 287 -13.73 0.51 -2.41
CA CYS A 287 -13.81 0.35 -3.85
C CYS A 287 -14.69 1.44 -4.50
N PHE A 288 -15.67 2.00 -3.79
CA PHE A 288 -16.47 3.09 -4.32
C PHE A 288 -15.76 4.41 -4.20
N ASP A 289 -14.91 4.58 -3.17
CA ASP A 289 -14.08 5.77 -3.05
C ASP A 289 -13.06 5.76 -4.19
N VAL A 290 -12.45 4.60 -4.49
CA VAL A 290 -11.51 4.51 -5.60
C VAL A 290 -12.26 4.76 -6.93
N LEU A 291 -13.36 4.05 -7.18
CA LEU A 291 -14.18 4.20 -8.39
C LEU A 291 -14.55 5.66 -8.69
N LEU A 292 -15.01 6.40 -7.68
CA LEU A 292 -15.44 7.79 -7.84
C LEU A 292 -14.32 8.83 -7.72
N GLY A 293 -13.07 8.38 -7.55
CA GLY A 293 -11.94 9.29 -7.45
C GLY A 293 -11.94 10.14 -6.20
N ILE A 294 -12.50 9.61 -5.11
CA ILE A 294 -12.49 10.27 -3.81
C ILE A 294 -11.17 9.79 -3.26
N GLN A 295 -10.13 10.62 -3.31
CA GLN A 295 -8.80 10.16 -2.92
C GLN A 295 -8.60 10.10 -1.43
N GLN A 296 -9.19 9.08 -0.81
CA GLN A 296 -9.12 8.85 0.62
C GLN A 296 -7.71 8.53 1.07
N THR A 297 -6.93 7.85 0.23
CA THR A 297 -5.56 7.41 0.50
C THR A 297 -4.46 8.41 0.05
N ALA A 298 -4.84 9.65 -0.29
CA ALA A 298 -3.88 10.64 -0.76
C ALA A 298 -3.65 11.77 0.27
N GLY A 299 -2.51 12.46 0.17
CA GLY A 299 -2.20 13.62 1.01
C GLY A 299 -1.22 13.42 2.14
N GLY A 300 -0.97 12.17 2.52
CA GLY A 300 -0.06 11.89 3.63
C GLY A 300 -0.61 12.16 5.02
N GLY A 301 -1.91 12.44 5.12
CA GLY A 301 -2.56 12.66 6.41
C GLY A 301 -2.81 11.36 7.17
N HIS A 302 -3.28 11.46 8.41
CA HIS A 302 -3.55 10.27 9.22
C HIS A 302 -4.66 9.35 8.67
N ALA A 303 -5.78 9.91 8.16
CA ALA A 303 -6.89 9.13 7.62
C ALA A 303 -6.46 8.32 6.40
N ALA A 304 -5.67 8.96 5.53
CA ALA A 304 -5.13 8.37 4.32
C ALA A 304 -4.21 7.21 4.65
N GLN A 305 -3.28 7.41 5.61
CA GLN A 305 -2.34 6.40 6.05
C GLN A 305 -3.09 5.20 6.63
N PHE A 306 -4.09 5.45 7.49
CA PHE A 306 -4.88 4.40 8.10
C PHE A 306 -5.57 3.52 7.06
N LEU A 307 -6.31 4.12 6.12
CA LEU A 307 -7.02 3.38 5.09
C LEU A 307 -6.10 2.62 4.15
N GLN A 308 -4.94 3.19 3.83
CA GLN A 308 -3.96 2.50 3.02
C GLN A 308 -3.44 1.26 3.77
N ASP A 309 -3.04 1.45 5.05
CA ASP A 309 -2.54 0.37 5.89
C ASP A 309 -3.55 -0.74 6.05
N MET A 310 -4.85 -0.40 6.13
CA MET A 310 -5.90 -1.39 6.30
C MET A 310 -6.09 -2.30 5.11
N ARG A 311 -5.48 -1.97 3.95
CA ARG A 311 -5.56 -2.84 2.78
C ARG A 311 -4.75 -4.12 2.97
N ARG A 312 -3.67 -4.08 3.77
CA ARG A 312 -2.90 -5.29 4.05
C ARG A 312 -3.60 -6.23 5.06
N TYR A 313 -4.72 -5.78 5.65
CA TYR A 313 -5.56 -6.56 6.56
C TYR A 313 -6.79 -7.15 5.81
N MET A 314 -6.88 -6.94 4.47
CA MET A 314 -7.92 -7.43 3.60
C MET A 314 -7.46 -8.73 2.94
N PRO A 315 -8.39 -9.62 2.52
CA PRO A 315 -7.97 -10.82 1.77
C PRO A 315 -7.20 -10.42 0.50
N PRO A 316 -6.12 -11.14 0.17
CA PRO A 316 -5.27 -10.73 -0.96
C PRO A 316 -6.00 -10.46 -2.27
N ALA A 317 -6.99 -11.28 -2.64
CA ALA A 317 -7.74 -11.08 -3.87
C ALA A 317 -8.51 -9.74 -3.84
N HIS A 318 -8.99 -9.33 -2.67
CA HIS A 318 -9.74 -8.07 -2.50
C HIS A 318 -8.83 -6.84 -2.50
N ARG A 319 -7.63 -7.00 -1.95
CA ARG A 319 -6.59 -5.99 -1.95
C ARG A 319 -6.15 -5.74 -3.41
N ASN A 320 -6.05 -6.84 -4.22
CA ASN A 320 -5.69 -6.82 -5.64
C ASN A 320 -6.76 -6.09 -6.43
N PHE A 321 -8.04 -6.34 -6.11
CA PHE A 321 -9.16 -5.70 -6.77
C PHE A 321 -9.10 -4.18 -6.63
N LEU A 322 -8.78 -3.69 -5.42
CA LEU A 322 -8.69 -2.26 -5.17
C LEU A 322 -7.58 -1.60 -5.99
N CYS A 323 -6.39 -2.23 -6.01
CA CYS A 323 -5.30 -1.64 -6.77
C CYS A 323 -5.57 -1.70 -8.30
N SER A 324 -6.32 -2.71 -8.76
CA SER A 324 -6.73 -2.81 -10.16
C SER A 324 -7.72 -1.67 -10.50
N LEU A 325 -8.61 -1.31 -9.57
CA LEU A 325 -9.54 -0.19 -9.79
C LEU A 325 -8.75 1.11 -9.91
N GLU A 326 -7.70 1.29 -9.09
CA GLU A 326 -6.84 2.48 -9.13
C GLU A 326 -6.05 2.60 -10.45
N SER A 327 -5.69 1.45 -11.03
CA SER A 327 -4.96 1.33 -12.30
C SER A 327 -5.82 1.70 -13.53
N ASN A 328 -7.15 1.62 -13.37
CA ASN A 328 -8.12 1.93 -14.41
C ASN A 328 -8.33 3.44 -14.55
N PRO A 329 -8.82 3.90 -15.72
CA PRO A 329 -9.06 5.34 -15.90
C PRO A 329 -10.02 5.93 -14.88
N SER A 330 -9.83 7.21 -14.59
CA SER A 330 -10.65 7.92 -13.63
C SER A 330 -12.05 8.26 -14.15
N VAL A 331 -13.08 7.78 -13.44
CA VAL A 331 -14.49 8.07 -13.71
C VAL A 331 -14.73 9.56 -13.42
N ARG A 332 -14.13 10.08 -12.33
CA ARG A 332 -14.24 11.49 -11.98
C ARG A 332 -13.68 12.37 -13.08
N GLU A 333 -12.44 12.10 -13.56
CA GLU A 333 -11.83 12.92 -14.61
C GLU A 333 -12.65 12.84 -15.88
N PHE A 334 -13.21 11.66 -16.19
CA PHE A 334 -14.04 11.49 -17.37
C PHE A 334 -15.29 12.37 -17.27
N VAL A 335 -16.01 12.33 -16.14
CA VAL A 335 -17.24 13.10 -15.96
C VAL A 335 -16.99 14.61 -15.90
N LEU A 336 -15.88 15.00 -15.28
CA LEU A 336 -15.48 16.41 -15.15
C LEU A 336 -15.18 17.02 -16.53
N SER A 337 -14.65 16.22 -17.46
CA SER A 337 -14.24 16.73 -18.76
C SER A 337 -15.32 16.79 -19.83
N LYS A 338 -16.53 16.28 -19.55
CA LYS A 338 -17.54 16.16 -20.60
C LYS A 338 -18.53 17.32 -20.75
N GLY A 339 -18.65 18.22 -19.77
CA GLY A 339 -19.60 19.34 -19.88
C GLY A 339 -21.03 18.88 -20.11
N ASP A 340 -21.42 17.83 -19.36
CA ASP A 340 -22.69 17.14 -19.45
C ASP A 340 -23.31 17.13 -18.07
N ALA A 341 -24.39 17.91 -17.88
CA ALA A 341 -25.11 18.06 -16.63
C ALA A 341 -25.71 16.75 -16.12
N GLY A 342 -26.34 15.98 -17.01
CA GLY A 342 -26.94 14.70 -16.65
C GLY A 342 -25.94 13.70 -16.08
N LEU A 343 -24.74 13.63 -16.68
CA LEU A 343 -23.66 12.76 -16.26
C LEU A 343 -23.06 13.23 -14.93
N ARG A 344 -22.86 14.55 -14.77
CA ARG A 344 -22.36 15.13 -13.53
C ARG A 344 -23.33 14.86 -12.39
N GLU A 345 -24.64 14.92 -12.67
CA GLU A 345 -25.64 14.68 -11.65
C GLU A 345 -25.73 13.22 -11.23
N ALA A 346 -25.47 12.30 -12.16
CA ALA A 346 -25.46 10.88 -11.88
C ALA A 346 -24.22 10.56 -11.01
N TYR A 347 -23.06 11.17 -11.29
CA TYR A 347 -21.83 11.01 -10.52
C TYR A 347 -22.07 11.55 -9.11
N ASP A 348 -22.67 12.75 -9.00
CA ASP A 348 -22.97 13.39 -7.72
C ASP A 348 -23.94 12.60 -6.87
N ALA A 349 -24.86 11.87 -7.50
CA ALA A 349 -25.80 11.03 -6.77
C ALA A 349 -25.03 9.90 -6.05
N CYS A 350 -23.97 9.35 -6.69
CA CYS A 350 -23.13 8.32 -6.11
C CYS A 350 -22.35 8.87 -4.91
N VAL A 351 -21.72 10.05 -5.07
CA VAL A 351 -20.94 10.70 -4.03
C VAL A 351 -21.85 11.11 -2.86
N LYS A 352 -23.02 11.71 -3.16
CA LYS A 352 -24.01 12.10 -2.15
C LYS A 352 -24.51 10.91 -1.36
N ALA A 353 -24.64 9.73 -2.00
CA ALA A 353 -25.07 8.52 -1.31
C ALA A 353 -24.02 8.07 -0.28
N LEU A 354 -22.74 8.21 -0.60
CA LEU A 354 -21.63 7.89 0.31
C LEU A 354 -21.56 8.93 1.46
N VAL A 355 -21.80 10.21 1.15
CA VAL A 355 -21.85 11.26 2.18
C VAL A 355 -23.00 11.00 3.16
N SER A 356 -24.16 10.58 2.65
CA SER A 356 -25.30 10.27 3.52
C SER A 356 -25.02 9.07 4.43
N LEU A 357 -24.35 8.02 3.89
CA LEU A 357 -23.96 6.85 4.66
C LEU A 357 -23.02 7.26 5.79
N ARG A 358 -21.99 8.09 5.49
CA ARG A 358 -21.00 8.51 6.48
C ARG A 358 -21.56 9.48 7.51
N SER A 359 -22.52 10.30 7.11
CA SER A 359 -23.15 11.26 8.02
C SER A 359 -24.03 10.49 8.99
N TYR A 360 -24.78 9.48 8.50
CA TYR A 360 -25.60 8.64 9.37
C TYR A 360 -24.69 7.85 10.33
N HIS A 361 -23.60 7.29 9.80
CA HIS A 361 -22.62 6.55 10.57
C HIS A 361 -21.97 7.44 11.67
N LEU A 362 -21.78 8.75 11.42
CA LEU A 362 -21.27 9.66 12.45
C LEU A 362 -22.27 9.80 13.60
N GLN A 363 -23.57 9.86 13.28
CA GLN A 363 -24.61 9.91 14.31
C GLN A 363 -24.62 8.62 15.13
N ILE A 364 -24.40 7.48 14.49
CA ILE A 364 -24.30 6.18 15.16
C ILE A 364 -23.10 6.11 16.11
N VAL A 365 -21.94 6.59 15.67
CA VAL A 365 -20.76 6.59 16.51
C VAL A 365 -20.96 7.50 17.73
N THR A 366 -21.72 8.61 17.56
CA THR A 366 -22.03 9.50 18.68
C THR A 366 -22.89 8.75 19.72
N LYS A 367 -23.90 8.02 19.25
CA LYS A 367 -24.80 7.26 20.11
C LYS A 367 -24.11 6.08 20.84
N TYR A 368 -23.30 5.30 20.11
CA TYR A 368 -22.71 4.07 20.62
C TYR A 368 -21.34 4.21 21.26
N ILE A 369 -20.61 5.30 20.98
CA ILE A 369 -19.27 5.47 21.53
C ILE A 369 -19.16 6.76 22.31
N LEU A 370 -19.38 7.91 21.67
CA LEU A 370 -19.22 9.24 22.26
C LEU A 370 -19.98 9.45 23.55
N ILE A 371 -21.30 9.24 23.53
CA ILE A 371 -22.15 9.42 24.69
C ILE A 371 -21.80 8.39 25.80
N PRO A 372 -21.73 7.06 25.55
CA PRO A 372 -21.31 6.15 26.63
C PRO A 372 -19.91 6.46 27.21
N ALA A 373 -18.96 6.93 26.39
CA ALA A 373 -17.64 7.31 26.89
C ALA A 373 -17.71 8.49 27.87
N SER A 374 -18.68 9.41 27.63
CA SER A 374 -18.89 10.59 28.46
C SER A 374 -19.55 10.27 29.80
N GLN A 375 -20.19 9.09 29.93
CA GLN A 375 -20.87 8.69 31.15
C GLN A 375 -19.98 7.80 32.03
N GLN A 376 -18.75 8.34 32.30
CA GLN A 376 -17.72 7.77 33.17
C GLN A 376 -16.98 8.90 33.90
N GLY A 396 -10.01 9.45 22.49
CA GLY A 396 -11.45 9.63 22.52
C GLY A 396 -12.01 10.13 21.19
N THR A 397 -12.15 11.47 21.05
CA THR A 397 -12.65 12.10 19.83
C THR A 397 -11.70 11.98 18.62
N ASP A 398 -10.61 11.20 18.74
CA ASP A 398 -9.66 10.96 17.67
C ASP A 398 -10.33 10.14 16.56
N LEU A 399 -11.24 9.20 16.92
CA LEU A 399 -11.98 8.41 15.94
C LEU A 399 -13.02 9.28 15.23
N MET A 400 -13.62 10.25 15.95
CA MET A 400 -14.57 11.18 15.34
C MET A 400 -13.88 12.01 14.29
N ASN A 401 -12.66 12.50 14.59
CA ASN A 401 -11.87 13.30 13.66
C ASN A 401 -11.52 12.51 12.42
N PHE A 402 -11.23 11.21 12.57
CA PHE A 402 -10.92 10.34 11.45
C PHE A 402 -12.16 10.22 10.58
N LEU A 403 -13.32 9.92 11.18
CA LEU A 403 -14.56 9.77 10.46
C LEU A 403 -15.03 11.07 9.78
N LYS A 404 -14.79 12.21 10.42
CA LYS A 404 -15.12 13.54 9.89
C LYS A 404 -14.24 13.88 8.72
N THR A 405 -12.95 13.47 8.73
CA THR A 405 -12.03 13.70 7.62
C THR A 405 -12.48 12.89 6.40
N VAL A 406 -12.79 11.60 6.61
CA VAL A 406 -13.24 10.73 5.52
C VAL A 406 -14.55 11.27 4.91
N ARG A 407 -15.48 11.74 5.76
CA ARG A 407 -16.74 12.28 5.29
C ARG A 407 -16.54 13.57 4.52
N SER A 408 -15.66 14.43 5.03
CA SER A 408 -15.33 15.72 4.44
C SER A 408 -14.72 15.55 3.05
N THR A 409 -13.82 14.57 2.89
CA THR A 409 -13.18 14.23 1.62
C THR A 409 -14.26 13.77 0.62
N THR A 410 -15.25 13.02 1.09
CA THR A 410 -16.34 12.56 0.22
C THR A 410 -17.16 13.75 -0.22
N GLU A 411 -17.55 14.63 0.72
CA GLU A 411 -18.38 15.82 0.46
C GLU A 411 -17.69 16.78 -0.52
N LYS A 412 -16.38 16.97 -0.37
CA LYS A 412 -15.62 17.85 -1.24
C LYS A 412 -15.38 17.29 -2.65
N SER A 413 -15.82 16.06 -2.92
CA SER A 413 -15.76 15.43 -4.24
C SER A 413 -16.99 15.72 -5.09
N LEU A 414 -18.04 16.33 -4.51
CA LEU A 414 -19.22 16.71 -5.26
C LEU A 414 -18.83 17.77 -6.29
N LEU A 415 -19.28 17.59 -7.51
CA LEU A 415 -19.00 18.52 -8.60
C LEU A 415 -19.87 19.79 -8.42
N LYS A 416 -21.11 19.63 -7.90
CA LYS A 416 -22.03 20.70 -7.53
C LYS A 416 -22.45 20.42 -6.07
N GLU A 417 -22.51 21.48 -5.21
CA GLU A 417 -22.86 21.31 -3.78
C GLU A 417 -24.08 20.39 -3.50
N THR B 25 4.24 -9.44 -24.95
CA THR B 25 5.04 -8.44 -24.22
C THR B 25 4.18 -7.45 -23.41
N ILE B 26 4.79 -6.89 -22.33
CA ILE B 26 4.26 -5.90 -21.36
C ILE B 26 3.66 -4.63 -22.03
N SER B 27 2.41 -4.30 -21.66
CA SER B 27 1.63 -3.16 -22.14
C SER B 27 2.36 -1.85 -22.06
N LYS B 28 2.22 -1.05 -23.14
CA LYS B 28 2.79 0.28 -23.27
C LYS B 28 2.28 1.25 -22.19
N GLU B 29 1.08 0.96 -21.61
CA GLU B 29 0.47 1.75 -20.54
C GLU B 29 1.28 1.72 -19.23
N TYR B 30 2.17 0.73 -19.07
CA TYR B 30 3.00 0.62 -17.88
C TYR B 30 4.27 1.48 -17.94
N HIS B 31 4.58 2.06 -19.10
CA HIS B 31 5.71 2.94 -19.32
C HIS B 31 7.04 2.31 -18.91
N ILE B 32 7.23 1.08 -19.34
CA ILE B 32 8.47 0.37 -19.13
C ILE B 32 9.12 0.35 -20.51
N ASP B 33 10.36 0.83 -20.60
CA ASP B 33 11.07 0.87 -21.86
C ASP B 33 11.83 -0.43 -22.09
N GLU B 34 11.89 -0.90 -23.34
CA GLU B 34 12.59 -2.14 -23.68
C GLU B 34 14.10 -2.06 -23.34
N GLU B 35 14.68 -0.86 -23.47
CA GLU B 35 16.11 -0.69 -23.20
C GLU B 35 16.44 -0.23 -21.78
N VAL B 36 15.75 0.80 -21.26
CA VAL B 36 16.10 1.37 -19.95
C VAL B 36 15.12 1.01 -18.82
N GLY B 37 14.14 0.16 -19.09
CA GLY B 37 13.17 -0.30 -18.09
C GLY B 37 12.32 0.77 -17.46
N PHE B 38 12.39 0.92 -16.14
CA PHE B 38 11.63 1.93 -15.42
C PHE B 38 12.20 3.34 -15.55
N ALA B 39 13.45 3.49 -16.06
CA ALA B 39 14.03 4.80 -16.29
C ALA B 39 13.27 5.52 -17.41
N LEU B 40 13.32 6.85 -17.41
CA LEU B 40 12.67 7.65 -18.43
C LEU B 40 13.60 7.60 -19.63
N PRO B 41 13.15 7.02 -20.77
CA PRO B 41 14.05 6.97 -21.95
C PRO B 41 14.34 8.37 -22.47
N ASN B 42 15.61 8.61 -22.88
CA ASN B 42 16.10 9.91 -23.42
C ASN B 42 15.41 11.14 -22.81
N PRO B 43 15.71 11.45 -21.53
CA PRO B 43 15.03 12.57 -20.87
C PRO B 43 15.34 13.91 -21.52
N GLN B 44 14.37 14.86 -21.43
CA GLN B 44 14.50 16.22 -21.95
C GLN B 44 15.54 16.98 -21.12
N GLU B 45 16.44 17.74 -21.78
CA GLU B 45 17.47 18.50 -21.06
C GLU B 45 17.06 19.95 -20.86
N ASN B 46 16.35 20.52 -21.84
CA ASN B 46 15.97 21.93 -21.78
C ASN B 46 14.46 22.12 -21.75
N LEU B 47 13.98 23.08 -20.97
CA LEU B 47 12.56 23.41 -20.86
C LEU B 47 12.22 24.52 -21.90
N PRO B 48 10.93 24.80 -22.21
CA PRO B 48 10.62 25.96 -23.06
C PRO B 48 11.17 27.25 -22.45
N ASP B 49 11.62 28.21 -23.29
CA ASP B 49 12.21 29.49 -22.89
C ASP B 49 11.43 30.25 -21.80
N PHE B 50 10.11 30.01 -21.70
CA PHE B 50 9.25 30.61 -20.68
C PHE B 50 9.75 30.29 -19.25
N TYR B 51 10.41 29.14 -19.08
CA TYR B 51 10.90 28.69 -17.78
C TYR B 51 12.39 28.89 -17.55
N ASN B 52 13.02 29.79 -18.34
CA ASN B 52 14.46 30.09 -18.23
C ASN B 52 14.88 30.49 -16.82
N ASP B 53 13.99 31.13 -16.06
CA ASP B 53 14.27 31.56 -14.69
C ASP B 53 14.39 30.37 -13.72
N TRP B 54 13.62 29.30 -13.97
CA TRP B 54 13.72 28.08 -13.17
C TRP B 54 15.02 27.37 -13.54
N MET B 55 15.28 27.22 -14.85
CA MET B 55 16.44 26.54 -15.38
C MET B 55 17.76 27.18 -14.96
N PHE B 56 17.79 28.53 -14.86
CA PHE B 56 19.02 29.20 -14.44
C PHE B 56 19.39 28.79 -13.01
N ILE B 57 18.41 28.80 -12.09
CA ILE B 57 18.65 28.43 -10.70
C ILE B 57 19.11 26.96 -10.60
N ALA B 58 18.35 26.03 -11.21
CA ALA B 58 18.65 24.60 -11.23
C ALA B 58 20.04 24.26 -11.81
N LYS B 59 20.41 24.92 -12.90
CA LYS B 59 21.71 24.71 -13.52
C LYS B 59 22.88 25.30 -12.73
N HIS B 60 22.60 26.23 -11.81
CA HIS B 60 23.67 26.87 -11.04
C HIS B 60 23.54 26.64 -9.53
N LEU B 61 22.97 25.49 -9.11
CA LEU B 61 22.85 25.21 -7.68
C LEU B 61 24.20 25.24 -6.94
N PRO B 62 25.27 24.57 -7.42
CA PRO B 62 26.54 24.62 -6.68
C PRO B 62 27.03 26.04 -6.38
N ASP B 63 27.00 26.94 -7.38
CA ASP B 63 27.44 28.33 -7.23
C ASP B 63 26.50 29.17 -6.38
N LEU B 64 25.19 29.10 -6.61
CA LEU B 64 24.22 29.89 -5.85
C LEU B 64 24.16 29.47 -4.40
N ILE B 65 24.34 28.17 -4.11
CA ILE B 65 24.29 27.70 -2.74
C ILE B 65 25.50 28.20 -1.98
N GLU B 66 26.71 27.94 -2.53
CA GLU B 66 27.96 28.32 -1.93
C GLU B 66 28.04 29.82 -1.62
N SER B 67 27.56 30.66 -2.55
CA SER B 67 27.59 32.10 -2.41
C SER B 67 26.46 32.70 -1.58
N GLY B 68 25.52 31.89 -1.11
CA GLY B 68 24.40 32.39 -0.33
C GLY B 68 23.39 33.17 -1.12
N GLN B 69 23.41 33.03 -2.46
CA GLN B 69 22.51 33.74 -3.37
C GLN B 69 21.28 32.94 -3.77
N LEU B 70 21.24 31.63 -3.48
CA LEU B 70 20.14 30.78 -3.91
C LEU B 70 18.78 31.16 -3.34
N ARG B 71 18.66 31.29 -2.01
CA ARG B 71 17.38 31.63 -1.40
C ARG B 71 16.78 32.94 -1.95
N GLU B 72 17.64 33.93 -2.24
CA GLU B 72 17.24 35.20 -2.83
C GLU B 72 16.71 35.04 -4.25
N ARG B 73 17.38 34.24 -5.11
CA ARG B 73 16.94 33.99 -6.48
C ARG B 73 15.58 33.28 -6.51
N VAL B 74 15.35 32.39 -5.56
CA VAL B 74 14.07 31.68 -5.46
C VAL B 74 12.99 32.66 -5.00
N GLU B 75 13.30 33.48 -3.97
CA GLU B 75 12.34 34.47 -3.45
C GLU B 75 12.01 35.57 -4.47
N LYS B 76 12.91 35.85 -5.42
CA LYS B 76 12.69 36.87 -6.45
C LYS B 76 11.90 36.36 -7.68
N LEU B 77 11.67 35.05 -7.78
CA LEU B 77 10.94 34.46 -8.91
C LEU B 77 9.48 34.91 -8.99
N ASN B 78 8.94 34.94 -10.21
CA ASN B 78 7.52 35.19 -10.43
C ASN B 78 6.82 33.84 -10.54
N MET B 79 5.54 33.75 -10.15
CA MET B 79 4.82 32.49 -10.22
C MET B 79 4.57 32.15 -11.67
N LEU B 80 5.23 31.10 -12.17
CA LEU B 80 5.07 30.68 -13.55
C LEU B 80 3.97 29.62 -13.64
N SER B 81 3.16 29.69 -14.70
CA SER B 81 2.07 28.73 -14.91
C SER B 81 2.62 27.42 -15.45
N ILE B 82 2.03 26.31 -15.04
CA ILE B 82 2.44 24.97 -15.50
C ILE B 82 1.93 24.62 -16.92
N ASP B 83 0.94 25.40 -17.42
CA ASP B 83 0.28 25.20 -18.71
C ASP B 83 1.21 25.05 -19.92
N HIS B 84 2.39 25.68 -19.89
CA HIS B 84 3.32 25.60 -21.00
C HIS B 84 4.17 24.32 -21.03
N LEU B 85 3.99 23.40 -20.06
CA LEU B 85 4.69 22.11 -20.04
C LEU B 85 3.71 21.13 -20.68
N THR B 86 3.78 21.03 -22.01
CA THR B 86 2.85 20.31 -22.88
C THR B 86 2.91 18.77 -22.86
N ASP B 87 4.11 18.17 -22.71
CA ASP B 87 4.24 16.72 -22.73
C ASP B 87 4.77 16.14 -21.41
N HIS B 88 4.76 14.79 -21.27
CA HIS B 88 5.25 14.11 -20.07
C HIS B 88 6.73 14.39 -19.83
N LYS B 89 7.56 14.35 -20.88
CA LYS B 89 8.99 14.58 -20.72
C LYS B 89 9.33 15.99 -20.18
N SER B 90 8.61 17.04 -20.63
CA SER B 90 8.86 18.39 -20.13
C SER B 90 8.31 18.54 -18.70
N GLN B 91 7.23 17.83 -18.35
CA GLN B 91 6.68 17.85 -17.00
C GLN B 91 7.62 17.13 -16.02
N ARG B 92 8.30 16.07 -16.50
CA ARG B 92 9.23 15.30 -15.68
C ARG B 92 10.50 16.11 -15.40
N LEU B 93 10.99 16.85 -16.43
CA LEU B 93 12.18 17.70 -16.30
C LEU B 93 11.87 18.85 -15.34
N ALA B 94 10.69 19.47 -15.47
CA ALA B 94 10.31 20.56 -14.57
C ALA B 94 10.22 20.09 -13.13
N ARG B 95 9.77 18.85 -12.90
CA ARG B 95 9.69 18.23 -11.57
C ARG B 95 11.09 18.02 -10.98
N LEU B 96 12.05 17.65 -11.84
CA LEU B 96 13.44 17.45 -11.43
C LEU B 96 14.05 18.81 -11.08
N VAL B 97 13.83 19.83 -11.95
CA VAL B 97 14.28 21.21 -11.78
C VAL B 97 13.75 21.80 -10.47
N LEU B 98 12.42 21.80 -10.26
CA LEU B 98 11.79 22.34 -9.06
C LEU B 98 12.12 21.58 -7.77
N GLY B 99 12.30 20.28 -7.90
CA GLY B 99 12.64 19.45 -6.76
C GLY B 99 14.04 19.69 -6.28
N CYS B 100 14.98 19.85 -7.21
CA CYS B 100 16.38 20.16 -6.87
C CYS B 100 16.46 21.54 -6.22
N ILE B 101 15.70 22.50 -6.77
CA ILE B 101 15.64 23.85 -6.23
C ILE B 101 15.07 23.83 -4.82
N THR B 102 13.99 23.06 -4.60
CA THR B 102 13.37 22.92 -3.28
C THR B 102 14.32 22.35 -2.23
N MET B 103 15.11 21.31 -2.57
CA MET B 103 16.08 20.73 -1.63
C MET B 103 17.13 21.79 -1.26
N ALA B 104 17.64 22.53 -2.23
CA ALA B 104 18.65 23.56 -2.00
C ALA B 104 18.08 24.73 -1.19
N TYR B 105 16.81 25.08 -1.41
CA TYR B 105 16.16 26.15 -0.68
C TYR B 105 15.96 25.75 0.77
N VAL B 106 15.40 24.56 1.00
CA VAL B 106 15.15 24.08 2.34
C VAL B 106 16.45 23.89 3.14
N TRP B 107 17.45 23.22 2.56
CA TRP B 107 18.66 22.88 3.28
C TRP B 107 19.77 23.91 3.23
N GLY B 108 19.74 24.82 2.28
CA GLY B 108 20.75 25.84 2.14
C GLY B 108 22.13 25.28 1.92
N LYS B 109 23.10 25.75 2.70
CA LYS B 109 24.47 25.20 2.63
C LYS B 109 24.64 23.85 3.34
N GLY B 110 23.58 23.38 4.02
CA GLY B 110 23.56 22.11 4.73
C GLY B 110 24.25 22.13 6.07
N HIS B 111 24.12 23.25 6.80
CA HIS B 111 24.76 23.38 8.10
C HIS B 111 23.83 23.78 9.22
N GLY B 112 22.55 23.39 9.12
CA GLY B 112 21.59 23.65 10.18
C GLY B 112 20.61 24.77 9.92
N ASP B 113 20.96 25.74 9.05
CA ASP B 113 20.03 26.84 8.78
C ASP B 113 19.03 26.37 7.74
N VAL B 114 17.90 25.87 8.23
CA VAL B 114 16.85 25.33 7.37
C VAL B 114 15.79 26.41 7.07
N ARG B 115 14.97 26.18 6.04
CA ARG B 115 13.85 27.03 5.71
C ARG B 115 12.61 26.17 5.94
N LYS B 116 11.67 26.65 6.75
CA LYS B 116 10.45 25.91 7.03
C LYS B 116 9.25 26.29 6.13
N VAL B 117 9.42 27.26 5.23
CA VAL B 117 8.37 27.71 4.33
C VAL B 117 8.94 27.78 2.90
N LEU B 118 8.25 27.19 1.93
CA LEU B 118 8.68 27.26 0.53
C LEU B 118 7.88 28.39 -0.13
N PRO B 119 8.54 29.40 -0.72
CA PRO B 119 7.80 30.52 -1.33
C PRO B 119 6.74 30.15 -2.37
N ARG B 120 5.56 30.80 -2.29
CA ARG B 120 4.39 30.56 -3.14
C ARG B 120 4.69 30.52 -4.63
N ASN B 121 5.62 31.37 -5.08
CA ASN B 121 5.96 31.42 -6.50
C ASN B 121 6.66 30.15 -7.03
N ILE B 122 7.17 29.29 -6.11
CA ILE B 122 7.78 28.02 -6.48
C ILE B 122 6.90 26.86 -5.97
N ALA B 123 6.36 26.98 -4.74
CA ALA B 123 5.49 25.96 -4.13
C ALA B 123 4.19 25.72 -4.88
N VAL B 124 3.52 26.79 -5.35
CA VAL B 124 2.26 26.61 -6.08
C VAL B 124 2.50 25.81 -7.39
N PRO B 125 3.37 26.24 -8.33
CA PRO B 125 3.58 25.43 -9.54
C PRO B 125 4.21 24.05 -9.29
N TYR B 126 4.94 23.89 -8.17
CA TYR B 126 5.55 22.60 -7.85
C TYR B 126 4.45 21.65 -7.44
N CYS B 127 3.55 22.07 -6.54
CA CYS B 127 2.46 21.24 -6.09
C CYS B 127 1.44 20.96 -7.18
N GLN B 128 1.21 21.92 -8.09
CA GLN B 128 0.26 21.72 -9.18
C GLN B 128 0.80 20.68 -10.18
N LEU B 129 2.08 20.80 -10.54
CA LEU B 129 2.76 19.86 -11.44
C LEU B 129 2.85 18.46 -10.80
N SER B 130 3.03 18.40 -9.47
CA SER B 130 3.13 17.17 -8.71
C SER B 130 1.78 16.45 -8.69
N LYS B 131 0.68 17.20 -8.51
CA LYS B 131 -0.69 16.68 -8.53
C LYS B 131 -1.01 16.10 -9.93
N LYS B 132 -0.53 16.79 -10.99
CA LYS B 132 -0.69 16.38 -12.38
C LYS B 132 -0.01 15.03 -12.64
N LEU B 133 1.23 14.85 -12.15
CA LEU B 133 1.97 13.62 -12.36
C LEU B 133 1.76 12.55 -11.28
N GLU B 134 0.88 12.82 -10.30
CA GLU B 134 0.55 11.93 -9.19
C GLU B 134 1.78 11.54 -8.38
N LEU B 135 2.63 12.53 -8.11
CA LEU B 135 3.84 12.36 -7.33
C LEU B 135 3.85 13.43 -6.23
N PRO B 136 4.42 13.13 -5.05
CA PRO B 136 4.45 14.15 -3.98
C PRO B 136 5.37 15.35 -4.30
N PRO B 137 5.10 16.54 -3.73
CA PRO B 137 5.97 17.69 -4.01
C PRO B 137 7.28 17.66 -3.21
N ILE B 138 8.14 16.70 -3.54
CA ILE B 138 9.47 16.48 -3.00
C ILE B 138 10.24 15.70 -4.06
N LEU B 139 11.56 15.87 -4.09
CA LEU B 139 12.43 15.15 -5.04
C LEU B 139 12.33 13.64 -4.75
N VAL B 140 11.98 12.86 -5.76
CA VAL B 140 11.86 11.39 -5.63
C VAL B 140 12.94 10.72 -6.49
N TYR B 141 13.12 9.39 -6.33
CA TYR B 141 14.04 8.56 -7.12
C TYR B 141 13.78 8.69 -8.63
N ALA B 142 12.50 8.70 -9.05
CA ALA B 142 12.15 8.87 -10.47
C ALA B 142 12.58 10.24 -11.04
N ASP B 143 12.86 11.22 -10.16
CA ASP B 143 13.37 12.52 -10.61
C ASP B 143 14.89 12.49 -10.64
N CYS B 144 15.56 12.31 -9.48
CA CYS B 144 17.02 12.39 -9.40
C CYS B 144 17.78 11.25 -10.04
N VAL B 145 17.12 10.11 -10.32
CA VAL B 145 17.84 8.99 -10.94
C VAL B 145 17.27 8.69 -12.33
N LEU B 146 15.98 8.39 -12.41
CA LEU B 146 15.35 7.96 -13.65
C LEU B 146 15.25 9.04 -14.73
N ALA B 147 15.09 10.31 -14.34
CA ALA B 147 14.98 11.38 -15.32
C ALA B 147 16.16 12.37 -15.31
N ASN B 148 17.16 12.14 -14.43
CA ASN B 148 18.33 13.01 -14.27
C ASN B 148 19.55 12.51 -15.06
N TRP B 149 19.36 12.26 -16.36
CA TRP B 149 20.46 11.72 -17.16
C TRP B 149 20.39 12.08 -18.64
N LYS B 150 21.54 11.94 -19.33
CA LYS B 150 21.68 12.19 -20.76
C LYS B 150 22.83 11.36 -21.32
N LYS B 151 22.79 11.11 -22.63
CA LYS B 151 23.92 10.47 -23.32
C LYS B 151 24.78 11.63 -23.83
N LYS B 152 26.10 11.53 -23.69
CA LYS B 152 27.02 12.54 -24.22
C LYS B 152 26.97 12.45 -25.76
N ASP B 153 27.08 11.22 -26.30
CA ASP B 153 27.00 10.95 -27.72
C ASP B 153 25.85 9.98 -27.96
N PRO B 154 24.76 10.44 -28.60
CA PRO B 154 23.61 9.55 -28.86
C PRO B 154 23.90 8.30 -29.69
N ASN B 155 25.04 8.28 -30.39
CA ASN B 155 25.42 7.12 -31.21
C ASN B 155 26.30 6.11 -30.49
N LYS B 156 26.67 6.40 -29.22
CA LYS B 156 27.47 5.48 -28.40
C LYS B 156 26.55 4.81 -27.34
N PRO B 157 26.92 3.62 -26.79
CA PRO B 157 25.99 2.91 -25.88
C PRO B 157 25.80 3.52 -24.46
N LEU B 158 24.89 2.92 -23.66
CA LEU B 158 24.60 3.36 -22.31
C LEU B 158 25.65 2.88 -21.33
N THR B 159 26.78 3.56 -21.34
CA THR B 159 27.91 3.27 -20.46
C THR B 159 28.24 4.53 -19.65
N TYR B 160 28.89 4.38 -18.48
CA TYR B 160 29.23 5.52 -17.63
C TYR B 160 30.00 6.63 -18.38
N GLU B 161 30.99 6.21 -19.19
CA GLU B 161 31.82 7.12 -19.99
C GLU B 161 30.99 7.96 -20.96
N ASN B 162 29.89 7.42 -21.47
CA ASN B 162 29.04 8.13 -22.41
C ASN B 162 27.80 8.76 -21.75
N MET B 163 27.81 8.94 -20.43
CA MET B 163 26.66 9.51 -19.74
C MET B 163 27.02 10.59 -18.77
N ASP B 164 26.02 11.40 -18.42
CA ASP B 164 26.13 12.46 -17.45
C ASP B 164 24.75 12.73 -16.82
N VAL B 165 24.74 13.32 -15.61
CA VAL B 165 23.50 13.73 -14.95
C VAL B 165 23.14 15.13 -15.45
N LEU B 166 21.89 15.55 -15.27
CA LEU B 166 21.47 16.88 -15.69
C LEU B 166 21.72 17.90 -14.56
N PHE B 167 21.49 17.51 -13.30
CA PHE B 167 21.62 18.42 -12.16
C PHE B 167 22.41 17.87 -10.99
N SER B 168 23.15 18.76 -10.34
CA SER B 168 23.98 18.50 -9.16
C SER B 168 23.62 19.52 -8.06
N PHE B 169 24.03 19.25 -6.82
CA PHE B 169 23.74 20.15 -5.71
C PHE B 169 24.94 21.02 -5.36
N ARG B 170 26.11 20.41 -5.14
CA ARG B 170 27.35 21.09 -4.78
C ARG B 170 28.49 20.58 -5.63
N ASP B 171 29.56 21.38 -5.71
CA ASP B 171 30.75 20.99 -6.45
C ASP B 171 31.42 19.88 -5.64
N GLY B 172 31.70 18.76 -6.29
CA GLY B 172 32.33 17.63 -5.60
C GLY B 172 31.40 16.78 -4.75
N ASP B 173 30.07 16.88 -4.95
CA ASP B 173 29.13 16.08 -4.16
C ASP B 173 29.02 14.60 -4.59
N CYS B 174 29.66 14.23 -5.71
CA CYS B 174 29.63 12.88 -6.28
C CYS B 174 28.21 12.45 -6.70
N SER B 175 27.33 13.42 -6.97
CA SER B 175 25.96 13.13 -7.39
C SER B 175 25.95 12.47 -8.76
N LYS B 176 26.93 12.76 -9.63
CA LYS B 176 27.01 12.11 -10.92
C LYS B 176 27.23 10.61 -10.75
N GLY B 177 28.27 10.23 -10.01
CA GLY B 177 28.57 8.83 -9.73
C GLY B 177 27.45 8.12 -9.00
N PHE B 178 26.86 8.78 -7.98
CA PHE B 178 25.81 8.15 -7.19
C PHE B 178 24.55 7.91 -8.04
N PHE B 179 24.02 8.95 -8.67
CA PHE B 179 22.82 8.84 -9.49
C PHE B 179 23.03 7.99 -10.74
N LEU B 180 24.18 8.10 -11.41
CA LEU B 180 24.45 7.33 -12.64
C LEU B 180 24.65 5.85 -12.41
N VAL B 181 25.35 5.46 -11.34
CA VAL B 181 25.55 4.05 -11.05
C VAL B 181 24.21 3.39 -10.65
N SER B 182 23.32 4.11 -9.92
CA SER B 182 22.00 3.60 -9.58
C SER B 182 21.22 3.35 -10.88
N LEU B 183 21.26 4.34 -11.80
CA LEU B 183 20.63 4.26 -13.10
C LEU B 183 21.15 3.09 -13.92
N LEU B 184 22.47 2.87 -13.92
CA LEU B 184 23.06 1.76 -14.66
C LEU B 184 22.64 0.41 -14.09
N VAL B 185 22.42 0.32 -12.77
CA VAL B 185 21.95 -0.92 -12.15
C VAL B 185 20.46 -1.12 -12.53
N GLU B 186 19.65 -0.04 -12.51
CA GLU B 186 18.24 -0.04 -12.95
C GLU B 186 18.14 -0.58 -14.38
N ILE B 187 19.01 -0.09 -15.27
CA ILE B 187 19.03 -0.48 -16.67
C ILE B 187 19.44 -1.94 -16.82
N ALA B 188 20.47 -2.39 -16.07
CA ALA B 188 20.92 -3.78 -16.11
C ALA B 188 19.81 -4.73 -15.63
N ALA B 189 19.10 -4.34 -14.56
CA ALA B 189 18.01 -5.15 -14.02
C ALA B 189 16.79 -5.18 -14.95
N ALA B 190 16.65 -4.18 -15.82
CA ALA B 190 15.54 -4.02 -16.78
C ALA B 190 15.52 -5.09 -17.85
N SER B 191 16.69 -5.68 -18.19
CA SER B 191 16.72 -6.74 -19.17
C SER B 191 16.00 -8.02 -18.65
N ALA B 192 15.80 -8.15 -17.33
CA ALA B 192 15.06 -9.28 -16.78
C ALA B 192 13.53 -9.03 -16.77
N ILE B 193 13.07 -7.77 -16.91
CA ILE B 193 11.65 -7.40 -16.92
C ILE B 193 10.95 -7.95 -18.15
N LYS B 194 11.64 -7.97 -19.30
CA LYS B 194 11.05 -8.52 -20.53
C LYS B 194 10.74 -10.03 -20.41
N VAL B 195 11.40 -10.73 -19.47
CA VAL B 195 11.19 -12.15 -19.23
C VAL B 195 9.93 -12.40 -18.37
N ILE B 196 9.44 -11.38 -17.63
CA ILE B 196 8.26 -11.52 -16.77
C ILE B 196 7.04 -12.12 -17.51
N PRO B 197 6.63 -11.61 -18.69
CA PRO B 197 5.47 -12.22 -19.37
C PRO B 197 5.73 -13.67 -19.82
N THR B 198 6.99 -14.03 -20.09
CA THR B 198 7.37 -15.41 -20.44
C THR B 198 7.12 -16.33 -19.24
N VAL B 199 7.43 -15.85 -18.02
CA VAL B 199 7.23 -16.60 -16.78
C VAL B 199 5.75 -16.91 -16.52
N PHE B 200 4.90 -15.89 -16.60
CA PHE B 200 3.48 -16.08 -16.36
C PHE B 200 2.78 -16.88 -17.47
N LYS B 201 3.24 -16.77 -18.72
CA LYS B 201 2.66 -17.54 -19.81
C LYS B 201 3.05 -19.01 -19.63
N ALA B 202 4.32 -19.28 -19.27
CA ALA B 202 4.82 -20.65 -19.05
C ALA B 202 4.05 -21.31 -17.91
N MET B 203 3.73 -20.58 -16.84
CA MET B 203 2.95 -21.14 -15.72
C MET B 203 1.53 -21.51 -16.17
N GLN B 204 0.83 -20.60 -16.88
CA GLN B 204 -0.55 -20.79 -17.36
C GLN B 204 -0.62 -21.96 -18.34
N MET B 205 0.26 -21.99 -19.35
CA MET B 205 0.32 -23.06 -20.35
C MET B 205 1.02 -24.33 -19.84
N GLN B 206 1.47 -24.34 -18.57
CA GLN B 206 2.16 -25.48 -17.96
C GLN B 206 3.37 -25.90 -18.80
N GLU B 207 4.20 -24.95 -19.22
CA GLU B 207 5.39 -25.18 -20.01
C GLU B 207 6.58 -25.15 -19.09
N ARG B 208 6.85 -26.28 -18.43
CA ARG B 208 7.92 -26.46 -17.46
C ARG B 208 9.29 -26.04 -17.99
N ASP B 209 9.69 -26.51 -19.19
CA ASP B 209 11.01 -26.20 -19.72
C ASP B 209 11.16 -24.71 -20.02
N THR B 210 10.08 -24.08 -20.54
CA THR B 210 10.05 -22.65 -20.83
C THR B 210 10.25 -21.86 -19.52
N LEU B 211 9.54 -22.24 -18.45
CA LEU B 211 9.63 -21.61 -17.14
C LEU B 211 11.02 -21.71 -16.56
N LEU B 212 11.65 -22.87 -16.68
CA LEU B 212 13.00 -23.07 -16.16
C LEU B 212 14.00 -22.17 -16.88
N LYS B 213 13.90 -22.09 -18.21
CA LYS B 213 14.80 -21.25 -19.01
C LYS B 213 14.60 -19.78 -18.64
N ALA B 214 13.35 -19.35 -18.49
CA ALA B 214 12.98 -18.00 -18.10
C ALA B 214 13.54 -17.62 -16.72
N LEU B 215 13.40 -18.50 -15.73
CA LEU B 215 13.94 -18.26 -14.39
C LEU B 215 15.46 -18.15 -14.41
N LEU B 216 16.13 -19.01 -15.21
CA LEU B 216 17.59 -18.95 -15.31
C LEU B 216 18.06 -17.69 -16.03
N GLU B 217 17.26 -17.15 -16.96
CA GLU B 217 17.58 -15.93 -17.67
C GLU B 217 17.41 -14.71 -16.74
N ILE B 218 16.43 -14.73 -15.84
CA ILE B 218 16.24 -13.65 -14.86
C ILE B 218 17.44 -13.67 -13.90
N ALA B 219 17.86 -14.87 -13.44
CA ALA B 219 19.01 -15.00 -12.56
C ALA B 219 20.27 -14.46 -13.24
N SER B 220 20.46 -14.78 -14.52
CA SER B 220 21.58 -14.30 -15.31
C SER B 220 21.63 -12.77 -15.34
N CYS B 221 20.47 -12.10 -15.53
CA CYS B 221 20.37 -10.64 -15.55
C CYS B 221 20.71 -10.01 -14.21
N LEU B 222 20.21 -10.60 -13.11
CA LEU B 222 20.47 -10.09 -11.77
C LEU B 222 21.93 -10.29 -11.36
N GLU B 223 22.57 -11.37 -11.85
CA GLU B 223 23.99 -11.63 -11.58
C GLU B 223 24.85 -10.59 -12.30
N LYS B 224 24.48 -10.23 -13.54
CA LYS B 224 25.16 -9.22 -14.35
C LYS B 224 25.02 -7.82 -13.71
N ALA B 225 23.84 -7.54 -13.11
CA ALA B 225 23.58 -6.27 -12.43
C ALA B 225 24.50 -6.05 -11.21
N LEU B 226 25.02 -7.12 -10.62
CA LEU B 226 25.94 -7.03 -9.49
C LEU B 226 27.30 -6.48 -9.97
N GLN B 227 27.73 -6.87 -11.18
CA GLN B 227 28.99 -6.37 -11.73
C GLN B 227 28.90 -4.86 -11.99
N VAL B 228 27.73 -4.39 -12.45
CA VAL B 228 27.43 -2.99 -12.71
C VAL B 228 27.56 -2.16 -11.41
N PHE B 229 27.15 -2.72 -10.28
CA PHE B 229 27.20 -2.14 -8.95
C PHE B 229 28.64 -1.81 -8.51
N HIS B 230 29.63 -2.63 -8.95
CA HIS B 230 31.04 -2.44 -8.59
C HIS B 230 31.59 -1.05 -8.97
N GLN B 231 31.00 -0.42 -9.99
CA GLN B 231 31.41 0.90 -10.47
C GLN B 231 31.26 2.01 -9.42
N ILE B 232 30.49 1.79 -8.36
CA ILE B 232 30.27 2.80 -7.34
C ILE B 232 31.57 3.33 -6.71
N HIS B 233 32.56 2.44 -6.50
CA HIS B 233 33.84 2.79 -5.87
C HIS B 233 34.72 3.72 -6.69
N ASP B 234 34.59 3.69 -8.01
CA ASP B 234 35.39 4.54 -8.89
C ASP B 234 34.80 5.92 -9.09
N HIS B 235 33.53 6.15 -8.72
CA HIS B 235 32.89 7.44 -9.01
C HIS B 235 32.29 8.14 -7.78
N VAL B 236 32.37 7.52 -6.60
CA VAL B 236 31.84 8.13 -5.38
C VAL B 236 32.88 7.98 -4.28
N ASN B 237 33.15 9.05 -3.51
CA ASN B 237 34.06 8.95 -2.37
C ASN B 237 33.25 9.14 -1.08
N PRO B 238 33.57 8.34 -0.05
CA PRO B 238 32.77 8.39 1.19
C PRO B 238 32.63 9.74 1.89
N LYS B 239 33.69 10.57 1.93
CA LYS B 239 33.62 11.86 2.62
C LYS B 239 32.64 12.79 1.92
N ALA B 240 32.78 12.96 0.61
CA ALA B 240 31.90 13.81 -0.19
C ALA B 240 30.47 13.31 -0.20
N PHE B 241 30.27 11.96 -0.26
CA PHE B 241 28.93 11.43 -0.25
C PHE B 241 28.24 11.73 1.09
N PHE B 242 28.87 11.33 2.20
CA PHE B 242 28.27 11.48 3.51
C PHE B 242 28.13 12.94 3.97
N SER B 243 29.19 13.73 3.89
CA SER B 243 29.17 15.10 4.39
C SER B 243 28.48 16.08 3.45
N VAL B 244 28.35 15.76 2.16
CA VAL B 244 27.76 16.70 1.22
C VAL B 244 26.46 16.17 0.58
N LEU B 245 26.51 15.10 -0.22
CA LEU B 245 25.31 14.61 -0.91
C LEU B 245 24.15 14.22 0.03
N ARG B 246 24.43 13.54 1.13
CA ARG B 246 23.42 13.09 2.10
C ARG B 246 22.44 14.18 2.52
N ILE B 247 22.93 15.40 2.76
CA ILE B 247 22.16 16.56 3.18
C ILE B 247 21.02 16.88 2.23
N TYR B 248 21.30 16.94 0.94
CA TYR B 248 20.29 17.31 -0.05
C TYR B 248 19.33 16.18 -0.40
N LEU B 249 19.65 14.94 -0.03
CA LEU B 249 18.76 13.81 -0.26
C LEU B 249 17.67 13.70 0.84
N SER B 250 17.85 14.42 1.98
CA SER B 250 16.94 14.39 3.11
C SER B 250 15.59 15.01 2.85
N GLY B 251 14.57 14.41 3.45
CA GLY B 251 13.20 14.89 3.36
C GLY B 251 12.71 15.46 4.67
N TRP B 252 11.40 15.57 4.82
CA TRP B 252 10.81 16.15 6.01
C TRP B 252 9.67 15.31 6.57
N LYS B 253 9.96 14.05 6.86
CA LYS B 253 9.00 13.15 7.48
C LYS B 253 9.75 12.50 8.62
N GLY B 254 9.35 12.80 9.85
CA GLY B 254 10.07 12.32 11.01
C GLY B 254 11.48 12.93 11.11
N ASN B 255 11.67 14.12 10.51
CA ASN B 255 12.97 14.77 10.52
C ASN B 255 13.00 15.78 11.64
N PRO B 256 13.90 15.59 12.62
CA PRO B 256 13.99 16.56 13.72
C PRO B 256 14.22 18.01 13.28
N GLN B 257 14.93 18.25 12.15
CA GLN B 257 15.18 19.59 11.63
C GLN B 257 13.93 20.31 11.08
N LEU B 258 12.90 19.53 10.70
CA LEU B 258 11.63 20.02 10.17
C LEU B 258 10.53 19.09 10.71
N SER B 259 10.44 18.98 12.06
CA SER B 259 9.54 18.10 12.80
C SER B 259 8.07 18.13 12.38
N ASP B 260 7.59 19.27 11.85
CA ASP B 260 6.19 19.36 11.40
C ASP B 260 6.01 19.32 9.85
N GLY B 261 7.12 19.29 9.12
CA GLY B 261 7.11 19.27 7.67
C GLY B 261 7.40 20.62 7.07
N LEU B 262 7.18 20.75 5.77
CA LEU B 262 7.44 21.97 5.03
C LEU B 262 6.13 22.67 4.71
N VAL B 263 6.10 24.01 4.78
CA VAL B 263 4.90 24.76 4.41
C VAL B 263 4.97 25.05 2.92
N TYR B 264 3.95 24.63 2.16
CA TYR B 264 3.90 24.85 0.71
C TYR B 264 3.00 26.06 0.48
N GLU B 265 3.54 27.26 0.74
CA GLU B 265 2.87 28.55 0.67
C GLU B 265 1.97 28.73 -0.54
N GLY B 266 0.71 29.08 -0.30
CA GLY B 266 -0.26 29.27 -1.37
C GLY B 266 -0.96 28.02 -1.85
N PHE B 267 -0.50 26.84 -1.39
CA PHE B 267 -1.10 25.58 -1.79
C PHE B 267 -1.81 24.89 -0.63
N TRP B 268 -1.16 24.81 0.55
CA TRP B 268 -1.73 24.22 1.77
C TRP B 268 -1.44 25.16 2.93
N GLU B 269 -2.37 25.23 3.90
CA GLU B 269 -2.19 26.10 5.06
C GLU B 269 -1.19 25.54 6.07
N ASP B 270 -1.28 24.23 6.35
CA ASP B 270 -0.41 23.56 7.32
C ASP B 270 0.86 22.95 6.70
N PRO B 271 1.94 22.76 7.48
CA PRO B 271 3.13 22.12 6.93
C PRO B 271 2.87 20.63 6.65
N LYS B 272 3.29 20.15 5.47
CA LYS B 272 3.11 18.75 5.06
C LYS B 272 4.42 17.97 5.16
N GLU B 273 4.33 16.71 5.62
CA GLU B 273 5.47 15.82 5.74
C GLU B 273 5.59 14.87 4.55
N PHE B 274 6.77 14.85 3.91
CA PHE B 274 7.06 13.95 2.80
C PHE B 274 8.45 13.35 2.99
N ALA B 275 8.59 12.06 2.77
CA ALA B 275 9.88 11.38 2.93
C ALA B 275 10.82 11.76 1.78
N GLY B 276 12.11 11.79 2.06
CA GLY B 276 13.12 12.13 1.06
C GLY B 276 13.30 11.04 0.02
N GLY B 277 14.03 11.37 -1.04
CA GLY B 277 14.34 10.44 -2.13
C GLY B 277 14.96 9.16 -1.62
N SER B 278 14.49 8.04 -2.17
CA SER B 278 14.92 6.75 -1.71
C SER B 278 14.96 5.75 -2.82
N ALA B 279 15.99 4.89 -2.82
CA ALA B 279 16.00 3.78 -3.76
C ALA B 279 14.93 2.73 -3.38
N GLY B 280 14.30 2.86 -2.21
CA GLY B 280 13.13 2.09 -1.80
C GLY B 280 11.94 2.40 -2.71
N GLN B 281 12.01 3.51 -3.49
CA GLN B 281 11.06 3.97 -4.52
C GLN B 281 11.40 3.36 -5.91
N SER B 282 12.51 2.60 -6.04
CA SER B 282 12.86 1.94 -7.28
C SER B 282 11.82 0.84 -7.54
N SER B 283 11.24 0.82 -8.74
CA SER B 283 10.26 -0.18 -9.09
C SER B 283 10.90 -1.50 -9.53
N VAL B 284 12.15 -1.47 -10.03
CA VAL B 284 12.78 -2.66 -10.55
C VAL B 284 13.11 -3.67 -9.45
N PHE B 285 13.53 -3.21 -8.27
CA PHE B 285 13.83 -4.10 -7.17
C PHE B 285 12.58 -4.64 -6.51
N GLN B 286 11.55 -3.79 -6.39
CA GLN B 286 10.27 -4.19 -5.83
C GLN B 286 9.59 -5.20 -6.76
N CYS B 287 9.75 -5.06 -8.09
CA CYS B 287 9.09 -5.97 -9.02
C CYS B 287 9.69 -7.39 -9.00
N PHE B 288 10.98 -7.54 -8.66
CA PHE B 288 11.56 -8.88 -8.54
C PHE B 288 11.20 -9.53 -7.20
N ASP B 289 11.02 -8.73 -6.15
CA ASP B 289 10.54 -9.23 -4.86
C ASP B 289 9.11 -9.71 -5.03
N VAL B 290 8.27 -8.94 -5.76
CA VAL B 290 6.89 -9.35 -6.01
C VAL B 290 6.87 -10.63 -6.89
N LEU B 291 7.61 -10.61 -8.01
CA LEU B 291 7.70 -11.75 -8.92
C LEU B 291 8.08 -13.05 -8.22
N LEU B 292 9.10 -13.01 -7.35
CA LEU B 292 9.59 -14.19 -6.66
C LEU B 292 8.86 -14.54 -5.36
N GLY B 293 7.81 -13.78 -5.02
CA GLY B 293 7.03 -14.03 -3.83
C GLY B 293 7.75 -13.76 -2.54
N ILE B 294 8.72 -12.82 -2.57
CA ILE B 294 9.46 -12.41 -1.40
C ILE B 294 8.54 -11.33 -0.83
N GLN B 295 7.78 -11.64 0.20
CA GLN B 295 6.79 -10.71 0.74
C GLN B 295 7.42 -9.62 1.58
N GLN B 296 8.06 -8.65 0.91
CA GLN B 296 8.72 -7.54 1.56
C GLN B 296 7.75 -6.63 2.29
N THR B 297 6.53 -6.48 1.75
CA THR B 297 5.48 -5.62 2.26
C THR B 297 4.52 -6.31 3.26
N ALA B 298 4.87 -7.51 3.74
CA ALA B 298 4.05 -8.27 4.67
C ALA B 298 4.64 -8.34 6.09
N GLY B 299 3.79 -8.63 7.08
CA GLY B 299 4.22 -8.85 8.46
C GLY B 299 4.08 -7.71 9.45
N GLY B 300 3.71 -6.52 8.93
CA GLY B 300 3.51 -5.31 9.74
C GLY B 300 4.74 -4.68 10.35
N GLY B 301 5.93 -5.13 9.95
CA GLY B 301 7.18 -4.57 10.45
C GLY B 301 7.51 -3.22 9.85
N HIS B 302 8.58 -2.60 10.34
CA HIS B 302 8.99 -1.27 9.86
C HIS B 302 9.49 -1.26 8.40
N ALA B 303 10.22 -2.30 7.96
CA ALA B 303 10.72 -2.38 6.58
C ALA B 303 9.58 -2.52 5.58
N ALA B 304 8.57 -3.35 5.93
CA ALA B 304 7.38 -3.60 5.13
C ALA B 304 6.59 -2.31 4.96
N GLN B 305 6.42 -1.54 6.06
CA GLN B 305 5.70 -0.27 6.05
C GLN B 305 6.40 0.71 5.13
N PHE B 306 7.74 0.83 5.27
CA PHE B 306 8.52 1.75 4.45
C PHE B 306 8.41 1.45 2.96
N LEU B 307 8.61 0.19 2.56
CA LEU B 307 8.54 -0.19 1.14
C LEU B 307 7.14 -0.03 0.54
N GLN B 308 6.10 -0.29 1.35
CA GLN B 308 4.73 -0.10 0.88
C GLN B 308 4.49 1.40 0.67
N ASP B 309 4.88 2.23 1.67
CA ASP B 309 4.71 3.69 1.58
C ASP B 309 5.45 4.28 0.40
N MET B 310 6.63 3.72 0.06
CA MET B 310 7.42 4.22 -1.06
C MET B 310 6.80 3.97 -2.42
N ARG B 311 5.74 3.17 -2.51
CA ARG B 311 5.03 2.96 -3.77
C ARG B 311 4.24 4.18 -4.22
N ARG B 312 3.77 4.98 -3.25
CA ARG B 312 3.08 6.23 -3.56
C ARG B 312 4.03 7.35 -4.03
N TYR B 313 5.35 7.13 -3.93
CA TYR B 313 6.39 8.03 -4.42
C TYR B 313 6.92 7.58 -5.80
N MET B 314 6.31 6.53 -6.42
CA MET B 314 6.64 5.99 -7.73
C MET B 314 5.73 6.56 -8.79
N PRO B 315 6.15 6.66 -10.06
CA PRO B 315 5.21 7.11 -11.12
C PRO B 315 3.96 6.20 -11.16
N PRO B 316 2.77 6.79 -11.31
CA PRO B 316 1.54 5.98 -11.26
C PRO B 316 1.52 4.74 -12.15
N ALA B 317 2.05 4.81 -13.38
CA ALA B 317 2.10 3.65 -14.28
C ALA B 317 2.97 2.51 -13.70
N HIS B 318 4.04 2.88 -12.97
CA HIS B 318 4.94 1.90 -12.34
C HIS B 318 4.36 1.28 -11.09
N ARG B 319 3.61 2.08 -10.33
CA ARG B 319 2.87 1.65 -9.14
C ARG B 319 1.78 0.64 -9.59
N ASN B 320 1.14 0.89 -10.76
CA ASN B 320 0.13 0.04 -11.38
C ASN B 320 0.74 -1.29 -11.81
N PHE B 321 1.95 -1.25 -12.37
CA PHE B 321 2.64 -2.44 -12.81
C PHE B 321 2.91 -3.39 -11.63
N LEU B 322 3.34 -2.84 -10.47
CA LEU B 322 3.59 -3.62 -9.26
C LEU B 322 2.31 -4.31 -8.78
N CYS B 323 1.19 -3.59 -8.76
CA CYS B 323 -0.15 -4.11 -8.40
C CYS B 323 -0.50 -5.30 -9.30
N SER B 324 -0.30 -5.15 -10.61
CA SER B 324 -0.60 -6.16 -11.61
C SER B 324 0.24 -7.42 -11.40
N LEU B 325 1.51 -7.25 -11.00
CA LEU B 325 2.36 -8.40 -10.72
C LEU B 325 1.84 -9.15 -9.51
N GLU B 326 1.40 -8.42 -8.45
CA GLU B 326 0.85 -9.01 -7.23
C GLU B 326 -0.46 -9.77 -7.49
N SER B 327 -1.25 -9.29 -8.45
CA SER B 327 -2.53 -9.86 -8.87
C SER B 327 -2.37 -11.18 -9.66
N ASN B 328 -1.17 -11.43 -10.19
CA ASN B 328 -0.85 -12.64 -10.93
C ASN B 328 -0.51 -13.78 -9.97
N PRO B 329 -0.63 -15.05 -10.42
CA PRO B 329 -0.34 -16.17 -9.53
C PRO B 329 1.10 -16.17 -9.03
N SER B 330 1.31 -16.77 -7.87
CA SER B 330 2.62 -16.84 -7.26
C SER B 330 3.58 -17.82 -7.99
N VAL B 331 4.73 -17.31 -8.47
CA VAL B 331 5.79 -18.09 -9.08
C VAL B 331 6.37 -19.01 -7.99
N ARG B 332 6.57 -18.49 -6.77
CA ARG B 332 7.07 -19.27 -5.65
C ARG B 332 6.16 -20.45 -5.33
N GLU B 333 4.84 -20.21 -5.19
CA GLU B 333 3.90 -21.28 -4.87
C GLU B 333 3.85 -22.30 -6.00
N PHE B 334 3.94 -21.85 -7.27
CA PHE B 334 3.95 -22.75 -8.42
C PHE B 334 5.17 -23.67 -8.36
N VAL B 335 6.35 -23.13 -8.11
CA VAL B 335 7.59 -23.90 -8.07
C VAL B 335 7.64 -24.86 -6.88
N LEU B 336 7.10 -24.42 -5.75
CA LEU B 336 7.05 -25.22 -4.54
C LEU B 336 6.12 -26.44 -4.71
N SER B 337 5.08 -26.32 -5.54
CA SER B 337 4.11 -27.38 -5.70
C SER B 337 4.46 -28.45 -6.74
N LYS B 338 5.53 -28.28 -7.52
CA LYS B 338 5.84 -29.18 -8.62
C LYS B 338 6.76 -30.37 -8.30
N GLY B 339 7.50 -30.34 -7.18
CA GLY B 339 8.42 -31.43 -6.82
C GLY B 339 9.47 -31.67 -7.90
N ASP B 340 9.99 -30.57 -8.45
CA ASP B 340 10.93 -30.52 -9.56
C ASP B 340 12.17 -29.79 -9.09
N ALA B 341 13.27 -30.52 -8.92
CA ALA B 341 14.55 -29.99 -8.46
C ALA B 341 15.13 -28.95 -9.40
N GLY B 342 15.11 -29.19 -10.70
CA GLY B 342 15.62 -28.25 -11.68
C GLY B 342 14.92 -26.90 -11.64
N LEU B 343 13.60 -26.90 -11.47
CA LEU B 343 12.79 -25.70 -11.37
C LEU B 343 13.05 -24.96 -10.05
N ARG B 344 13.18 -25.70 -8.95
CA ARG B 344 13.49 -25.14 -7.64
C ARG B 344 14.87 -24.49 -7.66
N GLU B 345 15.84 -25.10 -8.37
CA GLU B 345 17.19 -24.57 -8.45
C GLU B 345 17.26 -23.31 -9.30
N ALA B 346 16.44 -23.21 -10.34
CA ALA B 346 16.35 -22.02 -11.19
C ALA B 346 15.72 -20.87 -10.37
N TYR B 347 14.71 -21.17 -9.56
CA TYR B 347 14.04 -20.18 -8.71
C TYR B 347 15.06 -19.68 -7.66
N ASP B 348 15.79 -20.62 -7.04
CA ASP B 348 16.77 -20.29 -6.01
C ASP B 348 17.93 -19.48 -6.54
N ALA B 349 18.28 -19.65 -7.83
CA ALA B 349 19.33 -18.87 -8.47
C ALA B 349 18.89 -17.40 -8.52
N CYS B 350 17.59 -17.12 -8.78
CA CYS B 350 17.03 -15.77 -8.84
C CYS B 350 17.11 -15.13 -7.46
N VAL B 351 16.65 -15.84 -6.42
CA VAL B 351 16.67 -15.36 -5.04
C VAL B 351 18.11 -15.14 -4.55
N LYS B 352 19.03 -16.09 -4.83
CA LYS B 352 20.43 -15.97 -4.45
C LYS B 352 21.09 -14.77 -5.09
N ALA B 353 20.72 -14.46 -6.35
CA ALA B 353 21.24 -13.28 -7.05
C ALA B 353 20.80 -11.96 -6.37
N LEU B 354 19.57 -11.91 -5.84
CA LEU B 354 19.04 -10.74 -5.13
C LEU B 354 19.72 -10.63 -3.76
N VAL B 355 19.97 -11.76 -3.09
CA VAL B 355 20.68 -11.78 -1.80
C VAL B 355 22.10 -11.24 -2.02
N SER B 356 22.78 -11.65 -3.09
CA SER B 356 24.13 -11.17 -3.37
C SER B 356 24.15 -9.66 -3.65
N LEU B 357 23.14 -9.15 -4.39
CA LEU B 357 23.03 -7.71 -4.66
C LEU B 357 22.91 -6.93 -3.34
N ARG B 358 22.00 -7.36 -2.45
CA ARG B 358 21.75 -6.71 -1.19
C ARG B 358 22.90 -6.83 -0.20
N SER B 359 23.61 -7.94 -0.25
CA SER B 359 24.77 -8.16 0.62
C SER B 359 25.89 -7.23 0.18
N TYR B 360 26.11 -7.09 -1.14
CA TYR B 360 27.13 -6.20 -1.65
C TYR B 360 26.76 -4.75 -1.30
N HIS B 361 25.49 -4.37 -1.49
CA HIS B 361 24.97 -3.06 -1.18
C HIS B 361 25.12 -2.73 0.32
N LEU B 362 25.03 -3.75 1.21
CA LEU B 362 25.26 -3.54 2.65
C LEU B 362 26.72 -3.15 2.92
N GLN B 363 27.66 -3.80 2.22
CA GLN B 363 29.07 -3.49 2.36
C GLN B 363 29.35 -2.06 1.90
N ILE B 364 28.67 -1.60 0.83
CA ILE B 364 28.74 -0.25 0.31
C ILE B 364 28.21 0.77 1.34
N VAL B 365 27.06 0.49 1.96
CA VAL B 365 26.50 1.38 2.96
C VAL B 365 27.44 1.49 4.19
N THR B 366 28.15 0.42 4.53
CA THR B 366 29.15 0.46 5.62
C THR B 366 30.29 1.42 5.26
N LYS B 367 30.80 1.32 4.03
CA LYS B 367 31.88 2.17 3.53
C LYS B 367 31.48 3.66 3.38
N TYR B 368 30.30 3.94 2.80
CA TYR B 368 29.86 5.29 2.47
C TYR B 368 29.06 6.00 3.52
N ILE B 369 28.48 5.28 4.48
CA ILE B 369 27.67 5.91 5.52
C ILE B 369 28.21 5.61 6.92
N LEU B 370 28.25 4.33 7.31
CA LEU B 370 28.65 3.89 8.65
C LEU B 370 30.01 4.41 9.12
N ILE B 371 31.06 4.14 8.34
CA ILE B 371 32.40 4.57 8.68
C ILE B 371 32.53 6.11 8.63
N PRO B 372 32.13 6.85 7.57
CA PRO B 372 32.19 8.32 7.63
C PRO B 372 31.38 8.93 8.78
N ALA B 373 30.24 8.33 9.17
CA ALA B 373 29.46 8.83 10.31
C ALA B 373 30.26 8.72 11.62
N SER B 374 31.12 7.72 11.72
CA SER B 374 31.96 7.50 12.89
C SER B 374 33.14 8.49 12.97
N GLN B 375 33.53 9.12 11.85
CA GLN B 375 34.65 10.07 11.79
C GLN B 375 34.15 11.53 11.66
N GLN B 376 33.10 11.92 12.40
CA GLN B 376 32.56 13.29 12.29
C GLN B 376 32.56 14.08 13.61
N THR B 397 22.77 3.50 11.62
CA THR B 397 22.56 2.16 12.13
C THR B 397 21.09 1.71 11.93
N ASP B 398 20.13 2.65 11.95
CA ASP B 398 18.73 2.34 11.69
C ASP B 398 18.53 1.96 10.22
N LEU B 399 19.34 2.59 9.30
CA LEU B 399 19.32 2.29 7.87
C LEU B 399 19.90 0.89 7.64
N MET B 400 20.95 0.51 8.39
CA MET B 400 21.56 -0.80 8.28
C MET B 400 20.56 -1.88 8.67
N ASN B 401 19.81 -1.65 9.74
CA ASN B 401 18.79 -2.58 10.21
C ASN B 401 17.70 -2.77 9.19
N PHE B 402 17.32 -1.69 8.49
CA PHE B 402 16.31 -1.75 7.45
C PHE B 402 16.84 -2.64 6.32
N LEU B 403 18.08 -2.37 5.86
CA LEU B 403 18.67 -3.12 4.78
C LEU B 403 18.89 -4.60 5.13
N LYS B 404 19.25 -4.89 6.38
CA LYS B 404 19.46 -6.25 6.87
C LYS B 404 18.12 -7.02 6.96
N THR B 405 17.01 -6.31 7.26
CA THR B 405 15.70 -6.94 7.31
C THR B 405 15.28 -7.35 5.90
N VAL B 406 15.43 -6.43 4.92
CA VAL B 406 15.09 -6.69 3.53
C VAL B 406 15.93 -7.85 2.99
N ARG B 407 17.21 -7.88 3.32
CA ARG B 407 18.10 -8.93 2.88
C ARG B 407 17.71 -10.29 3.51
N SER B 408 17.41 -10.29 4.81
CA SER B 408 17.01 -11.47 5.57
C SER B 408 15.75 -12.09 5.00
N THR B 409 14.76 -11.24 4.63
CA THR B 409 13.52 -11.65 4.00
C THR B 409 13.81 -12.34 2.64
N THR B 410 14.79 -11.81 1.89
CA THR B 410 15.18 -12.40 0.62
C THR B 410 15.80 -13.77 0.87
N GLU B 411 16.72 -13.88 1.83
CA GLU B 411 17.42 -15.12 2.18
C GLU B 411 16.42 -16.21 2.61
N LYS B 412 15.41 -15.83 3.44
CA LYS B 412 14.39 -16.76 3.91
C LYS B 412 13.42 -17.25 2.83
N SER B 413 13.55 -16.75 1.61
CA SER B 413 12.71 -17.19 0.49
C SER B 413 13.34 -18.33 -0.29
N LEU B 414 14.62 -18.70 -0.01
CA LEU B 414 15.26 -19.80 -0.68
C LEU B 414 14.51 -21.09 -0.29
N LEU B 415 14.21 -21.92 -1.29
CA LEU B 415 13.50 -23.17 -1.07
C LEU B 415 14.46 -24.23 -0.49
N LYS B 416 15.78 -24.17 -0.89
CA LYS B 416 16.91 -25.04 -0.51
C LYS B 416 16.69 -26.51 -0.91
#